data_9MU4
#
_entry.id   9MU4
#
_cell.length_a   1.00
_cell.length_b   1.00
_cell.length_c   1.00
_cell.angle_alpha   90.00
_cell.angle_beta   90.00
_cell.angle_gamma   90.00
#
_symmetry.space_group_name_H-M   'P 1'
#
loop_
_entity.id
_entity.type
_entity.pdbx_description
1 polymer 'Histone H2A'
2 polymer 'Histone H2B'
3 polymer 'Histone H3'
4 polymer 'Histone H4'
5 polymer 'DNA (164-MER)'
6 polymer 'DNA (164-MER)'
#
loop_
_entity_poly.entity_id
_entity_poly.type
_entity_poly.pdbx_seq_one_letter_code
_entity_poly.pdbx_strand_id
1 'polypeptide(L)'
;AKSRSNRAGLQFPVGRIHRLLRKGNYAERVGAGAPVYLAAVMEYLAAEVLELAGNAARDNKKTRIIPRHLQLAIRNDEEL
NKLLSGVTIAQGGVLPNIQAVLLPKK
;
c,g
2 'polypeptide(L)'
;KKRKRKESYAIYIYKVLKQVHPDTGISSKAMSIMNSFVNDIFERIAAEASRLAHYNKRSTITSREIQTAVRLLLPGELAK
HAVSEGTKAVTKYTSSK
;
d,h
3 'polypeptide(L)'
;KKPHRYRPGTVALREIRRYQKSTELLIRKLPFQRLVREIAQDFKTDLRFQSSAVMALQEASEAYLVGLFEDTNLCAIHAK
RVTIMPKDIQLARRIRGERA
;
a,e
4 'polypeptide(L)'
;VLRDNIQGITKPAIRRLARRGGVKRISGLIYEETRGVLKVFLENVIRDAVTYTEHAKRKTVTAMDVVYALKRQGRTLYGF
GG
;
b,f
5 'polydeoxyribonucleotide'
;(DT)(DA)(DT)(DA)(DT)(DA)(DT)(DA)(DT)(DA)(DT)(DA)(DT)(DA)(DT)(DA)(DT)(DC)(DA)(DG)
(DA)(DA)(DT)(DC)(DC)(DC)(DG)(DG)(DT)(DG)(DC)(DC)(DG)(DA)(DG)(DG)(DC)(DC)(DG)(DC)
(DT)(DC)(DA)(DA)(DT)(DT)(DG)(DG)(DT)(DC)(DG)(DT)(DA)(DG)(DA)(DC)(DA)(DG)(DC)(DT)
(DC)(DT)(DA)(DG)(DC)(DA)(DC)(DC)(DG)(DC)(DT)(DT)(DA)(DA)(DA)(DC)(DG)(DC)(DA)(DC)
(DG)(DT)(DA)(DC)(DG)(DC)(DG)(DC)(DT)(DG)(DT)(DC)(DC)(DC)(DC)(DC)(DG)(DC)(DG)(DT)
(DT)(DT)(DT)(DA)(DA)(DC)(DC)(DG)(DC)(DC)(DA)(DA)(DG)(DG)(DG)(DG)(DA)(DT)(DT)(DA)
(DC)(DT)(DC)(DC)(DC)(DT)(DA)(DG)(DT)(DC)(DT)(DC)(DC)(DA)(DG)(DG)(DC)(DA)(DC)(DG)
(DT)(DG)(DT)(DC)(DA)(DG)(DA)(DT)(DA)(DT)(DA)(DT)(DA)(DC)(DA)(DT)(DC)(DG)(DA)(DT)
(DA)(DT)(DA)(DT)
;
T
6 'polydeoxyribonucleotide'
;(DA)(DT)(DA)(DT)(DA)(DT)(DC)(DG)(DA)(DT)(DG)(DT)(DA)(DT)(DA)(DT)(DA)(DT)(DC)(DT)
(DG)(DA)(DC)(DA)(DC)(DG)(DT)(DG)(DC)(DC)(DT)(DG)(DG)(DA)(DG)(DA)(DC)(DT)(DA)(DG)
(DG)(DG)(DA)(DG)(DT)(DA)(DA)(DT)(DC)(DC)(DC)(DC)(DT)(DT)(DG)(DG)(DC)(DG)(DG)(DT)
(DT)(DA)(DA)(DA)(DA)(DC)(DG)(DC)(DG)(DG)(DG)(DG)(DG)(DA)(DC)(DA)(DG)(DC)(DG)(DC)
(DG)(DT)(DA)(DC)(DG)(DT)(DG)(DC)(DG)(DT)(DT)(DT)(DA)(DA)(DG)(DC)(DG)(DG)(DT)(DG)
(DC)(DT)(DA)(DG)(DA)(DG)(DC)(DT)(DG)(DT)(DC)(DT)(DA)(DC)(DG)(DA)(DC)(DC)(DA)(DA)
(DT)(DT)(DG)(DA)(DG)(DC)(DG)(DG)(DC)(DC)(DT)(DC)(DG)(DG)(DC)(DA)(DC)(DC)(DG)(DG)
(DG)(DA)(DT)(DT)(DC)(DT)(DG)(DA)(DT)(DA)(DT)(DA)(DT)(DA)(DT)(DA)(DT)(DA)(DT)(DA)
(DT)(DA)(DT)(DA)
;
N
#
loop_
_chem_comp.id
_chem_comp.type
_chem_comp.name
_chem_comp.formula
DA DNA linking 2'-DEOXYADENOSINE-5'-MONOPHOSPHATE 'C10 H14 N5 O6 P'
DC DNA linking 2'-DEOXYCYTIDINE-5'-MONOPHOSPHATE 'C9 H14 N3 O7 P'
DG DNA linking 2'-DEOXYGUANOSINE-5'-MONOPHOSPHATE 'C10 H14 N5 O7 P'
DT DNA linking THYMIDINE-5'-MONOPHOSPHATE 'C10 H15 N2 O8 P'
#
# COMPACT_ATOMS: atom_id res chain seq x y z
N ALA A 1 23.83 -7.68 36.58
CA ALA A 1 24.87 -6.66 36.59
C ALA A 1 24.80 -5.81 35.33
N LYS A 2 25.62 -6.15 34.33
CA LYS A 2 25.74 -5.34 33.13
C LYS A 2 24.55 -5.58 32.22
N SER A 3 23.85 -4.51 31.88
CA SER A 3 22.72 -4.61 30.98
C SER A 3 23.20 -4.90 29.56
N ARG A 4 22.31 -5.48 28.75
CA ARG A 4 22.71 -5.90 27.42
C ARG A 4 22.88 -4.72 26.47
N SER A 5 22.19 -3.61 26.72
CA SER A 5 22.39 -2.40 25.93
C SER A 5 23.79 -1.83 26.16
N ASN A 6 24.25 -1.83 27.41
CA ASN A 6 25.57 -1.31 27.71
C ASN A 6 26.65 -2.26 27.23
N ARG A 7 26.38 -3.56 27.26
CA ARG A 7 27.32 -4.54 26.75
C ARG A 7 27.46 -4.44 25.24
N ALA A 8 26.35 -4.18 24.54
CA ALA A 8 26.39 -4.05 23.09
C ALA A 8 26.80 -2.66 22.63
N GLY A 9 26.97 -1.71 23.53
CA GLY A 9 27.38 -0.37 23.16
C GLY A 9 26.29 0.51 22.61
N LEU A 10 25.02 0.15 22.77
CA LEU A 10 23.92 0.91 22.25
C LEU A 10 23.28 1.75 23.35
N GLN A 11 22.13 2.34 23.02
CA GLN A 11 21.29 2.99 24.02
C GLN A 11 19.82 2.64 23.93
N PHE A 12 19.32 2.14 22.80
CA PHE A 12 18.00 1.56 22.79
C PHE A 12 18.00 0.28 23.62
N PRO A 13 16.90 -0.03 24.31
CA PRO A 13 16.91 -1.19 25.22
C PRO A 13 16.91 -2.50 24.46
N VAL A 14 17.76 -3.41 24.90
CA VAL A 14 17.81 -4.74 24.29
C VAL A 14 16.82 -5.67 24.94
N GLY A 15 16.68 -5.58 26.27
CA GLY A 15 15.74 -6.45 26.97
C GLY A 15 14.30 -6.13 26.65
N ARG A 16 13.97 -4.84 26.52
CA ARG A 16 12.61 -4.47 26.16
C ARG A 16 12.27 -4.90 24.74
N ILE A 17 13.22 -4.75 23.81
CA ILE A 17 13.00 -5.19 22.44
C ILE A 17 12.91 -6.71 22.36
N HIS A 18 13.67 -7.41 23.20
CA HIS A 18 13.54 -8.87 23.28
C HIS A 18 12.17 -9.28 23.81
N ARG A 19 11.65 -8.55 24.80
CA ARG A 19 10.32 -8.83 25.32
C ARG A 19 9.24 -8.54 24.28
N LEU A 20 9.40 -7.46 23.52
CA LEU A 20 8.41 -7.13 22.50
C LEU A 20 8.50 -8.05 21.31
N LEU A 21 9.66 -8.65 21.05
CA LEU A 21 9.76 -9.65 20.00
C LEU A 21 9.20 -10.99 20.43
N ARG A 22 9.40 -11.38 21.69
CA ARG A 22 8.84 -12.63 22.18
C ARG A 22 7.32 -12.55 22.28
N LYS A 23 6.80 -11.50 22.91
CA LYS A 23 5.39 -11.39 23.21
C LYS A 23 4.62 -10.58 22.18
N GLY A 24 5.24 -10.29 21.05
CA GLY A 24 4.53 -9.67 19.96
C GLY A 24 4.24 -10.69 18.87
N ASN A 25 4.32 -11.97 19.24
CA ASN A 25 4.11 -13.21 18.50
C ASN A 25 4.48 -13.14 17.02
N TYR A 26 5.73 -12.78 16.74
CA TYR A 26 6.22 -12.78 15.38
C TYR A 26 6.71 -14.15 14.94
N ALA A 27 7.48 -14.82 15.78
CA ALA A 27 7.83 -16.22 15.56
C ALA A 27 7.94 -16.91 16.90
N GLU A 28 8.18 -18.21 16.85
CA GLU A 28 8.12 -19.02 18.06
C GLU A 28 9.33 -18.80 18.96
N ARG A 29 10.52 -18.70 18.38
CA ARG A 29 11.77 -18.66 19.15
C ARG A 29 12.57 -17.43 18.72
N VAL A 30 12.50 -16.34 19.47
CA VAL A 30 13.29 -15.17 19.14
C VAL A 30 14.73 -15.40 19.56
N GLY A 31 15.66 -15.22 18.62
CA GLY A 31 17.05 -15.52 18.87
C GLY A 31 17.73 -14.48 19.73
N ALA A 32 19.03 -14.69 19.94
CA ALA A 32 19.80 -13.87 20.89
C ALA A 32 20.35 -12.61 20.25
N GLY A 33 20.93 -12.71 19.05
CA GLY A 33 21.47 -11.55 18.39
C GLY A 33 20.45 -10.68 17.71
N ALA A 34 19.22 -11.18 17.57
CA ALA A 34 18.16 -10.42 16.92
C ALA A 34 17.77 -9.11 17.63
N PRO A 35 17.54 -9.06 18.95
CA PRO A 35 17.20 -7.75 19.55
C PRO A 35 18.34 -6.77 19.52
N VAL A 36 19.58 -7.25 19.58
CA VAL A 36 20.73 -6.36 19.51
C VAL A 36 20.87 -5.77 18.11
N TYR A 37 20.69 -6.60 17.08
CA TYR A 37 20.76 -6.10 15.71
C TYR A 37 19.63 -5.12 15.42
N LEU A 38 18.42 -5.43 15.90
CA LEU A 38 17.28 -4.55 15.68
C LEU A 38 17.43 -3.24 16.43
N ALA A 39 17.94 -3.29 17.67
CA ALA A 39 18.16 -2.07 18.45
C ALA A 39 19.24 -1.21 17.83
N ALA A 40 20.28 -1.82 17.25
CA ALA A 40 21.32 -1.05 16.59
C ALA A 40 20.81 -0.37 15.32
N VAL A 41 20.00 -1.07 14.53
CA VAL A 41 19.42 -0.48 13.33
C VAL A 41 18.48 0.67 13.69
N MET A 42 17.64 0.46 14.71
CA MET A 42 16.71 1.49 15.15
C MET A 42 17.43 2.69 15.74
N GLU A 43 18.52 2.44 16.49
CA GLU A 43 19.31 3.53 17.05
C GLU A 43 20.03 4.32 15.97
N TYR A 44 20.50 3.64 14.91
CA TYR A 44 21.10 4.36 13.78
C TYR A 44 20.07 5.23 13.07
N LEU A 45 18.87 4.68 12.83
CA LEU A 45 17.84 5.44 12.14
C LEU A 45 17.40 6.65 12.94
N ALA A 46 17.26 6.49 14.25
CA ALA A 46 16.98 7.62 15.12
C ALA A 46 18.12 8.63 15.13
N ALA A 47 19.37 8.16 15.09
CA ALA A 47 20.50 9.08 15.09
C ALA A 47 20.55 9.91 13.82
N GLU A 48 20.26 9.29 12.67
CA GLU A 48 20.20 10.02 11.40
C GLU A 48 19.07 11.04 11.39
N VAL A 49 17.89 10.64 11.87
CA VAL A 49 16.73 11.53 11.86
C VAL A 49 16.95 12.71 12.81
N LEU A 50 17.49 12.45 14.01
CA LEU A 50 17.75 13.53 14.95
C LEU A 50 18.90 14.42 14.50
N GLU A 51 19.88 13.89 13.76
CA GLU A 51 20.94 14.75 13.22
C GLU A 51 20.40 15.72 12.18
N LEU A 52 19.56 15.22 11.27
CA LEU A 52 18.98 16.12 10.28
C LEU A 52 17.99 17.10 10.91
N ALA A 53 17.26 16.67 11.94
CA ALA A 53 16.34 17.57 12.63
C ALA A 53 17.10 18.65 13.39
N GLY A 54 18.23 18.31 14.00
CA GLY A 54 19.03 19.32 14.66
C GLY A 54 19.66 20.30 13.69
N ASN A 55 20.06 19.81 12.51
CA ASN A 55 20.55 20.72 11.48
C ASN A 55 19.46 21.68 11.02
N ALA A 56 18.23 21.18 10.84
CA ALA A 56 17.13 22.05 10.45
C ALA A 56 16.73 23.01 11.56
N ALA A 57 16.93 22.62 12.82
CA ALA A 57 16.68 23.52 13.94
C ALA A 57 17.73 24.62 14.04
N ARG A 58 19.00 24.27 13.82
CA ARG A 58 20.05 25.28 13.83
C ARG A 58 19.93 26.23 12.66
N ASP A 59 19.47 25.74 11.50
CA ASP A 59 19.27 26.60 10.34
C ASP A 59 18.10 27.55 10.53
N ASN A 60 17.17 27.24 11.44
CA ASN A 60 16.02 28.08 11.70
C ASN A 60 16.16 28.91 12.99
N LYS A 61 17.36 28.90 13.59
CA LYS A 61 17.72 29.69 14.77
C LYS A 61 16.86 29.35 16.00
N LYS A 62 16.43 28.10 16.12
CA LYS A 62 15.72 27.63 17.30
C LYS A 62 16.54 26.53 17.97
N THR A 63 16.44 26.45 19.30
CA THR A 63 17.14 25.44 20.07
C THR A 63 16.20 24.44 20.72
N ARG A 64 15.13 24.07 20.01
CA ARG A 64 14.20 23.04 20.46
C ARG A 64 13.48 22.51 19.23
N ILE A 65 13.49 21.19 19.06
CA ILE A 65 12.95 20.58 17.85
C ILE A 65 11.44 20.57 17.91
N ILE A 66 10.80 21.13 16.89
CA ILE A 66 9.35 21.17 16.76
C ILE A 66 8.99 20.21 15.62
N PRO A 67 7.73 19.81 15.43
CA PRO A 67 7.41 18.89 14.32
C PRO A 67 7.68 19.42 12.92
N ARG A 68 7.69 20.74 12.73
CA ARG A 68 8.04 21.29 11.43
C ARG A 68 9.50 20.99 11.10
N HIS A 69 10.37 20.98 12.11
CA HIS A 69 11.78 20.64 11.89
C HIS A 69 11.93 19.19 11.46
N LEU A 70 11.13 18.29 12.04
CA LEU A 70 11.14 16.90 11.62
C LEU A 70 10.61 16.73 10.20
N GLN A 71 9.55 17.46 9.85
CA GLN A 71 9.02 17.44 8.48
C GLN A 71 10.05 17.93 7.47
N LEU A 72 10.74 19.02 7.80
CA LEU A 72 11.77 19.57 6.93
C LEU A 72 12.95 18.62 6.80
N ALA A 73 13.34 17.98 7.91
CA ALA A 73 14.48 17.08 7.90
C ALA A 73 14.19 15.82 7.10
N ILE A 74 13.00 15.24 7.26
CA ILE A 74 12.65 14.04 6.51
C ILE A 74 12.43 14.31 5.05
N ARG A 75 11.68 15.36 4.68
CA ARG A 75 11.36 15.57 3.28
C ARG A 75 12.44 16.30 2.50
N ASN A 76 13.35 17.00 3.17
CA ASN A 76 14.50 17.57 2.47
C ASN A 76 15.53 16.51 2.12
N ASP A 77 15.53 15.37 2.81
CA ASP A 77 16.37 14.24 2.48
C ASP A 77 15.63 13.36 1.48
N GLU A 78 16.36 12.45 0.82
CA GLU A 78 15.75 11.69 -0.26
C GLU A 78 15.44 10.26 0.16
N GLU A 79 16.41 9.61 0.82
CA GLU A 79 16.24 8.23 1.24
C GLU A 79 15.30 8.08 2.43
N LEU A 80 15.27 9.06 3.34
CA LEU A 80 14.22 9.09 4.35
C LEU A 80 12.85 9.39 3.76
N ASN A 81 12.80 10.14 2.67
CA ASN A 81 11.54 10.33 1.97
C ASN A 81 11.09 9.03 1.30
N LYS A 82 12.04 8.23 0.83
CA LYS A 82 11.69 6.92 0.29
C LYS A 82 11.19 5.99 1.39
N LEU A 83 11.80 6.08 2.57
CA LEU A 83 11.35 5.26 3.70
C LEU A 83 9.97 5.69 4.19
N LEU A 84 9.80 6.98 4.42
CA LEU A 84 8.63 7.55 5.09
C LEU A 84 7.68 8.20 4.10
N SER A 85 7.48 7.58 2.94
CA SER A 85 6.67 8.18 1.88
C SER A 85 5.20 8.19 2.25
N GLY A 86 4.71 7.10 2.82
CA GLY A 86 3.30 6.96 3.10
C GLY A 86 2.82 7.54 4.41
N VAL A 87 3.68 8.24 5.14
CA VAL A 87 3.34 8.75 6.46
C VAL A 87 3.18 10.27 6.40
N THR A 88 2.24 10.79 7.17
CA THR A 88 2.12 12.22 7.40
C THR A 88 2.54 12.53 8.82
N ILE A 89 3.08 13.74 9.03
CA ILE A 89 3.56 14.16 10.34
C ILE A 89 2.55 15.14 10.92
N ALA A 90 2.05 14.83 12.11
CA ALA A 90 1.03 15.68 12.74
C ALA A 90 1.66 16.99 13.20
N GLN A 91 0.95 18.09 12.90
CA GLN A 91 1.38 19.48 13.15
C GLN A 91 2.73 19.75 12.47
N GLY A 92 2.92 19.16 11.29
CA GLY A 92 4.02 19.50 10.41
C GLY A 92 3.54 20.39 9.29
N GLY A 93 4.36 20.49 8.25
CA GLY A 93 3.97 21.32 7.13
C GLY A 93 4.22 20.68 5.79
N VAL A 94 4.37 21.49 4.76
CA VAL A 94 4.88 21.04 3.48
C VAL A 94 6.17 21.78 3.22
N LEU A 95 6.96 21.24 2.29
CA LEU A 95 8.18 21.93 1.89
C LEU A 95 7.84 23.20 1.13
N PRO A 96 8.52 24.31 1.41
CA PRO A 96 8.24 25.54 0.65
C PRO A 96 8.74 25.44 -0.77
N ASN A 97 7.82 25.20 -1.69
CA ASN A 97 8.15 25.12 -3.11
C ASN A 97 6.97 25.57 -3.95
N ILE A 98 7.27 26.06 -5.14
CA ILE A 98 6.26 26.54 -6.08
C ILE A 98 6.80 26.33 -7.49
N GLN A 99 5.90 25.98 -8.40
CA GLN A 99 6.31 25.69 -9.76
C GLN A 99 6.69 26.97 -10.49
N ALA A 100 7.55 26.82 -11.50
CA ALA A 100 8.07 27.98 -12.21
C ALA A 100 7.05 28.61 -13.13
N VAL A 101 6.00 27.87 -13.50
CA VAL A 101 4.94 28.44 -14.32
C VAL A 101 4.14 29.46 -13.53
N LEU A 102 3.87 29.16 -12.25
CA LEU A 102 3.08 30.05 -11.41
C LEU A 102 3.81 31.33 -11.04
N LEU A 103 5.13 31.34 -11.12
CA LEU A 103 5.89 32.54 -10.79
C LEU A 103 5.65 33.61 -11.86
N PRO A 104 5.61 34.89 -11.47
CA PRO A 104 5.33 35.94 -12.46
C PRO A 104 6.49 36.13 -13.41
N LYS A 105 6.17 36.37 -14.68
CA LYS A 105 7.16 36.44 -15.73
C LYS A 105 7.91 37.77 -15.64
N LYS A 106 9.22 37.71 -15.89
CA LYS A 106 10.06 38.89 -15.84
C LYS A 106 10.72 39.14 -17.19
N ALA B 1 -15.27 -39.06 14.05
CA ALA B 1 -16.36 -39.42 13.17
C ALA B 1 -16.71 -38.28 12.22
N LYS B 2 -17.62 -37.42 12.67
CA LYS B 2 -18.10 -36.32 11.85
C LYS B 2 -17.06 -35.19 11.82
N SER B 3 -16.56 -34.89 10.63
CA SER B 3 -15.62 -33.79 10.49
C SER B 3 -16.31 -32.46 10.71
N ARG B 4 -15.54 -31.46 11.14
CA ARG B 4 -16.12 -30.18 11.53
C ARG B 4 -16.55 -29.35 10.34
N SER B 5 -16.04 -29.63 9.15
CA SER B 5 -16.53 -28.93 7.97
C SER B 5 -17.87 -29.48 7.52
N ASN B 6 -18.09 -30.78 7.72
CA ASN B 6 -19.37 -31.39 7.42
C ASN B 6 -20.39 -31.05 8.50
N ARG B 7 -19.94 -30.84 9.73
CA ARG B 7 -20.84 -30.52 10.83
C ARG B 7 -21.39 -29.11 10.69
N ALA B 8 -20.55 -28.16 10.27
CA ALA B 8 -20.98 -26.78 10.09
C ALA B 8 -21.63 -26.53 8.73
N GLY B 9 -21.73 -27.55 7.89
CA GLY B 9 -22.38 -27.41 6.60
C GLY B 9 -21.53 -26.80 5.51
N LEU B 10 -20.25 -26.59 5.76
CA LEU B 10 -19.39 -25.94 4.79
C LEU B 10 -18.75 -26.96 3.86
N GLN B 11 -17.89 -26.48 2.97
CA GLN B 11 -17.05 -27.32 2.14
C GLN B 11 -15.57 -27.11 2.35
N PHE B 12 -15.15 -25.89 2.68
CA PHE B 12 -13.76 -25.65 3.03
C PHE B 12 -13.44 -26.32 4.36
N PRO B 13 -12.21 -26.80 4.55
CA PRO B 13 -11.90 -27.57 5.76
C PRO B 13 -11.79 -26.67 6.98
N VAL B 14 -12.31 -27.16 8.09
CA VAL B 14 -12.22 -26.40 9.34
C VAL B 14 -10.95 -26.80 10.08
N GLY B 15 -10.57 -28.07 10.02
CA GLY B 15 -9.38 -28.53 10.71
C GLY B 15 -8.09 -27.96 10.14
N ARG B 16 -8.00 -27.88 8.81
CA ARG B 16 -6.80 -27.33 8.18
C ARG B 16 -6.67 -25.83 8.44
N ILE B 17 -7.78 -25.11 8.40
CA ILE B 17 -7.75 -23.68 8.71
C ILE B 17 -7.44 -23.46 10.18
N HIS B 18 -7.91 -24.35 11.06
CA HIS B 18 -7.55 -24.28 12.47
C HIS B 18 -6.06 -24.50 12.67
N ARG B 19 -5.48 -25.46 11.96
CA ARG B 19 -4.04 -25.69 12.04
C ARG B 19 -3.25 -24.52 11.51
N LEU B 20 -3.69 -23.93 10.39
CA LEU B 20 -2.96 -22.81 9.81
C LEU B 20 -3.11 -21.54 10.62
N LEU B 21 -4.19 -21.42 11.39
CA LEU B 21 -4.29 -20.34 12.37
C LEU B 21 -3.47 -20.63 13.61
N ARG B 22 -3.31 -21.91 13.97
CA ARG B 22 -2.58 -22.27 15.17
C ARG B 22 -1.09 -22.07 14.98
N LYS B 23 -0.48 -22.81 14.05
CA LYS B 23 0.95 -22.72 13.81
C LYS B 23 1.29 -21.76 12.68
N GLY B 24 0.42 -20.78 12.42
CA GLY B 24 0.75 -19.63 11.62
C GLY B 24 1.12 -18.43 12.46
N ASN B 25 1.42 -18.65 13.75
CA ASN B 25 1.83 -17.68 14.80
C ASN B 25 1.15 -16.31 14.70
N TYR B 26 -0.18 -16.35 14.57
CA TYR B 26 -0.95 -15.11 14.60
C TYR B 26 -1.25 -14.68 16.03
N ALA B 27 -1.65 -15.61 16.88
CA ALA B 27 -1.89 -15.29 18.28
C ALA B 27 -1.56 -16.51 19.13
N GLU B 28 -1.57 -16.31 20.45
CA GLU B 28 -1.17 -17.38 21.36
C GLU B 28 -2.22 -18.48 21.42
N ARG B 29 -3.49 -18.11 21.47
CA ARG B 29 -4.59 -19.07 21.52
C ARG B 29 -5.57 -18.75 20.40
N VAL B 30 -6.28 -19.76 19.93
CA VAL B 30 -7.27 -19.60 18.87
C VAL B 30 -8.57 -20.23 19.34
N GLY B 31 -9.66 -19.46 19.28
CA GLY B 31 -10.96 -19.97 19.67
C GLY B 31 -11.50 -20.99 18.70
N ALA B 32 -12.54 -21.69 19.13
CA ALA B 32 -13.10 -22.77 18.34
C ALA B 32 -13.96 -22.26 17.19
N GLY B 33 -14.66 -21.14 17.40
CA GLY B 33 -15.54 -20.63 16.35
C GLY B 33 -14.86 -19.84 15.26
N ALA B 34 -13.63 -19.41 15.52
CA ALA B 34 -12.88 -18.64 14.52
C ALA B 34 -12.57 -19.39 13.23
N PRO B 35 -12.09 -20.66 13.23
CA PRO B 35 -11.91 -21.34 11.94
C PRO B 35 -13.19 -21.57 11.17
N VAL B 36 -14.31 -21.78 11.87
CA VAL B 36 -15.59 -21.98 11.18
C VAL B 36 -16.06 -20.68 10.54
N TYR B 37 -15.95 -19.57 11.26
CA TYR B 37 -16.32 -18.28 10.69
C TYR B 37 -15.43 -17.91 9.51
N LEU B 38 -14.12 -18.16 9.64
CA LEU B 38 -13.19 -17.85 8.56
C LEU B 38 -13.42 -18.76 7.36
N ALA B 39 -13.70 -20.04 7.58
CA ALA B 39 -13.97 -20.96 6.49
C ALA B 39 -15.25 -20.59 5.76
N ALA B 40 -16.25 -20.11 6.49
CA ALA B 40 -17.49 -19.68 5.87
C ALA B 40 -17.28 -18.44 5.00
N VAL B 41 -16.49 -17.47 5.49
CA VAL B 41 -16.23 -16.27 4.71
C VAL B 41 -15.40 -16.59 3.47
N MET B 42 -14.38 -17.43 3.61
CA MET B 42 -13.57 -17.88 2.48
C MET B 42 -14.40 -18.65 1.46
N GLU B 43 -15.31 -19.50 1.93
CA GLU B 43 -16.16 -20.25 1.02
C GLU B 43 -17.15 -19.35 0.30
N TYR B 44 -17.67 -18.34 0.98
CA TYR B 44 -18.59 -17.40 0.31
C TYR B 44 -17.86 -16.59 -0.74
N LEU B 45 -16.64 -16.13 -0.45
CA LEU B 45 -15.90 -15.34 -1.43
C LEU B 45 -15.52 -16.19 -2.64
N ALA B 46 -15.11 -17.45 -2.40
CA ALA B 46 -14.82 -18.36 -3.49
C ALA B 46 -16.08 -18.67 -4.30
N ALA B 47 -17.22 -18.87 -3.65
CA ALA B 47 -18.45 -19.19 -4.37
C ALA B 47 -18.93 -18.02 -5.21
N GLU B 48 -18.75 -16.80 -4.71
CA GLU B 48 -19.10 -15.60 -5.48
C GLU B 48 -18.21 -15.47 -6.71
N VAL B 49 -16.90 -15.68 -6.56
CA VAL B 49 -16.01 -15.52 -7.70
C VAL B 49 -16.22 -16.64 -8.72
N LEU B 50 -16.47 -17.88 -8.26
CA LEU B 50 -16.79 -18.94 -9.21
C LEU B 50 -18.13 -18.74 -9.89
N GLU B 51 -19.11 -18.12 -9.20
CA GLU B 51 -20.39 -17.80 -9.84
C GLU B 51 -20.20 -16.83 -10.99
N LEU B 52 -19.46 -15.75 -10.74
CA LEU B 52 -19.25 -14.77 -11.81
C LEU B 52 -18.32 -15.30 -12.90
N ALA B 53 -17.37 -16.16 -12.53
CA ALA B 53 -16.48 -16.73 -13.54
C ALA B 53 -17.19 -17.73 -14.42
N GLY B 54 -18.12 -18.49 -13.85
CA GLY B 54 -18.93 -19.39 -14.65
C GLY B 54 -19.88 -18.65 -15.57
N ASN B 55 -20.43 -17.52 -15.10
CA ASN B 55 -21.25 -16.68 -15.97
C ASN B 55 -20.43 -16.11 -17.12
N ALA B 56 -19.22 -15.63 -16.83
CA ALA B 56 -18.36 -15.07 -17.88
C ALA B 56 -17.86 -16.14 -18.84
N ALA B 57 -17.68 -17.37 -18.36
CA ALA B 57 -17.28 -18.46 -19.25
C ALA B 57 -18.42 -18.92 -20.13
N ARG B 58 -19.65 -18.91 -19.60
CA ARG B 58 -20.80 -19.26 -20.42
C ARG B 58 -21.13 -18.15 -21.41
N ASP B 59 -20.74 -16.91 -21.14
CA ASP B 59 -20.97 -15.83 -22.09
C ASP B 59 -20.08 -15.97 -23.32
N ASN B 60 -18.88 -16.52 -23.19
CA ASN B 60 -17.98 -16.72 -24.31
C ASN B 60 -18.05 -18.14 -24.88
N LYS B 61 -19.09 -18.90 -24.50
CA LYS B 61 -19.38 -20.24 -25.02
C LYS B 61 -18.23 -21.23 -24.77
N LYS B 62 -17.61 -21.13 -23.59
CA LYS B 62 -16.59 -22.07 -23.16
C LYS B 62 -17.04 -22.78 -21.91
N THR B 63 -16.83 -24.09 -21.85
CA THR B 63 -17.21 -24.89 -20.69
C THR B 63 -16.01 -25.26 -19.84
N ARG B 64 -15.05 -24.35 -19.71
CA ARG B 64 -13.88 -24.57 -18.87
C ARG B 64 -13.30 -23.20 -18.54
N ILE B 65 -13.18 -22.89 -17.26
CA ILE B 65 -12.79 -21.56 -16.81
C ILE B 65 -11.30 -21.37 -17.02
N ILE B 66 -10.95 -20.40 -17.86
CA ILE B 66 -9.55 -20.03 -18.11
C ILE B 66 -9.25 -18.82 -17.24
N PRO B 67 -7.99 -18.37 -17.11
CA PRO B 67 -7.73 -17.13 -16.35
C PRO B 67 -8.39 -15.87 -16.88
N ARG B 68 -8.68 -15.80 -18.18
CA ARG B 68 -9.34 -14.61 -18.72
C ARG B 68 -10.76 -14.48 -18.21
N HIS B 69 -11.46 -15.61 -18.00
CA HIS B 69 -12.81 -15.56 -17.44
C HIS B 69 -12.78 -15.04 -16.00
N LEU B 70 -11.79 -15.43 -15.21
CA LEU B 70 -11.64 -14.90 -13.86
C LEU B 70 -11.30 -13.41 -13.89
N GLN B 71 -10.47 -13.01 -14.86
CA GLN B 71 -10.09 -11.60 -14.99
C GLN B 71 -11.31 -10.74 -15.30
N LEU B 72 -12.15 -11.21 -16.24
CA LEU B 72 -13.38 -10.53 -16.59
C LEU B 72 -14.37 -10.49 -15.43
N ALA B 73 -14.48 -11.61 -14.70
CA ALA B 73 -15.42 -11.69 -13.59
C ALA B 73 -15.01 -10.76 -12.46
N ILE B 74 -13.72 -10.63 -12.19
CA ILE B 74 -13.29 -9.75 -11.12
C ILE B 74 -13.44 -8.29 -11.53
N ARG B 75 -12.98 -7.92 -12.72
CA ARG B 75 -13.00 -6.49 -13.02
C ARG B 75 -14.35 -6.00 -13.52
N ASN B 76 -15.27 -6.87 -13.90
CA ASN B 76 -16.62 -6.40 -14.23
C ASN B 76 -17.41 -6.08 -12.96
N ASP B 77 -17.20 -6.86 -11.90
CA ASP B 77 -17.87 -6.62 -10.64
C ASP B 77 -17.29 -5.40 -9.96
N GLU B 78 -18.08 -4.81 -9.06
CA GLU B 78 -17.67 -3.56 -8.41
C GLU B 78 -16.91 -3.82 -7.11
N GLU B 79 -17.54 -4.54 -6.18
CA GLU B 79 -16.92 -4.80 -4.89
C GLU B 79 -15.73 -5.75 -5.01
N LEU B 80 -15.80 -6.70 -5.94
CA LEU B 80 -14.67 -7.61 -6.15
C LEU B 80 -13.48 -6.89 -6.77
N ASN B 81 -13.74 -5.89 -7.61
CA ASN B 81 -12.64 -5.08 -8.14
C ASN B 81 -12.07 -4.17 -7.06
N LYS B 82 -12.92 -3.65 -6.17
CA LYS B 82 -12.43 -2.79 -5.10
C LYS B 82 -11.62 -3.60 -4.08
N LEU B 83 -11.99 -4.85 -3.84
CA LEU B 83 -11.26 -5.70 -2.91
C LEU B 83 -9.90 -6.10 -3.47
N LEU B 84 -9.85 -6.54 -4.72
CA LEU B 84 -8.59 -6.93 -5.37
C LEU B 84 -8.06 -5.78 -6.20
N SER B 85 -7.57 -4.76 -5.50
CA SER B 85 -7.15 -3.53 -6.18
C SER B 85 -5.80 -3.72 -6.86
N GLY B 86 -4.77 -4.03 -6.08
CA GLY B 86 -3.43 -4.21 -6.60
C GLY B 86 -3.12 -5.59 -7.13
N VAL B 87 -4.11 -6.45 -7.21
CA VAL B 87 -3.92 -7.84 -7.59
C VAL B 87 -3.74 -7.97 -9.09
N THR B 88 -2.67 -8.64 -9.51
CA THR B 88 -2.42 -8.93 -10.91
C THR B 88 -2.73 -10.40 -11.18
N ILE B 89 -3.67 -10.65 -12.09
CA ILE B 89 -4.06 -12.01 -12.46
C ILE B 89 -3.17 -12.45 -13.62
N ALA B 90 -2.42 -13.52 -13.41
CA ALA B 90 -1.48 -14.00 -14.42
C ALA B 90 -2.23 -14.65 -15.58
N GLN B 91 -1.76 -14.36 -16.79
CA GLN B 91 -2.38 -14.81 -18.06
C GLN B 91 -3.85 -14.40 -18.14
N GLY B 92 -4.17 -13.23 -17.62
CA GLY B 92 -5.52 -12.74 -17.71
C GLY B 92 -5.65 -11.82 -18.90
N GLY B 93 -5.82 -10.52 -18.63
CA GLY B 93 -5.92 -9.56 -19.70
C GLY B 93 -6.43 -8.25 -19.14
N VAL B 94 -6.94 -7.42 -20.04
CA VAL B 94 -7.57 -6.17 -19.65
C VAL B 94 -9.01 -6.20 -20.16
N LEU B 95 -9.84 -5.35 -19.57
CA LEU B 95 -11.19 -5.21 -20.04
C LEU B 95 -11.20 -4.51 -21.39
N PRO B 96 -12.12 -4.87 -22.28
CA PRO B 96 -12.31 -4.08 -23.49
C PRO B 96 -12.94 -2.75 -23.14
N ASN B 97 -12.13 -1.70 -23.15
CA ASN B 97 -12.59 -0.37 -22.72
C ASN B 97 -11.75 0.66 -23.45
N ILE B 98 -12.32 1.24 -24.50
CA ILE B 98 -11.64 2.21 -25.33
C ILE B 98 -12.32 3.57 -25.13
N GLN B 99 -11.51 4.62 -25.01
CA GLN B 99 -12.04 5.93 -24.69
C GLN B 99 -12.80 6.51 -25.86
N ALA B 100 -13.80 7.33 -25.54
CA ALA B 100 -14.69 7.88 -26.57
C ALA B 100 -14.03 8.94 -27.42
N VAL B 101 -12.97 9.59 -26.91
CA VAL B 101 -12.26 10.59 -27.69
C VAL B 101 -11.47 9.93 -28.82
N LEU B 102 -10.92 8.75 -28.57
CA LEU B 102 -10.10 8.06 -29.57
C LEU B 102 -10.93 7.48 -30.71
N LEU B 103 -12.23 7.29 -30.51
CA LEU B 103 -13.09 6.78 -31.56
C LEU B 103 -13.22 7.80 -32.69
N PRO B 104 -13.35 7.35 -33.95
CA PRO B 104 -13.36 8.30 -35.06
C PRO B 104 -14.64 9.11 -35.12
N LYS B 105 -14.50 10.36 -35.53
CA LYS B 105 -15.63 11.29 -35.59
C LYS B 105 -16.53 10.92 -36.76
N LYS B 106 -17.83 10.85 -36.52
CA LYS B 106 -18.78 10.44 -37.53
C LYS B 106 -19.62 11.62 -38.02
N LYS C 1 -1.04 7.46 43.94
CA LYS C 1 -1.88 6.55 43.18
C LYS C 1 -1.85 6.89 41.69
N LYS C 2 -0.86 6.34 40.98
CA LYS C 2 -0.73 6.58 39.56
C LYS C 2 -1.79 5.81 38.78
N ARG C 3 -1.93 6.15 37.50
CA ARG C 3 -2.93 5.48 36.66
C ARG C 3 -2.40 4.15 36.15
N LYS C 4 -1.34 4.19 35.35
CA LYS C 4 -0.79 2.99 34.74
C LYS C 4 0.67 3.22 34.39
N ARG C 5 1.38 2.13 34.12
CA ARG C 5 2.78 2.17 33.73
C ARG C 5 2.85 2.18 32.21
N LYS C 6 3.02 3.35 31.63
CA LYS C 6 3.09 3.46 30.17
C LYS C 6 4.53 3.30 29.70
N GLU C 7 4.71 2.51 28.65
CA GLU C 7 6.03 2.18 28.13
C GLU C 7 6.29 3.00 26.88
N SER C 8 7.46 3.62 26.81
CA SER C 8 7.77 4.50 25.69
C SER C 8 9.28 4.58 25.54
N TYR C 9 9.70 5.07 24.37
CA TYR C 9 11.11 5.22 24.04
C TYR C 9 11.61 6.64 24.24
N ALA C 10 11.07 7.37 25.22
CA ALA C 10 11.39 8.79 25.34
C ALA C 10 12.79 9.03 25.88
N ILE C 11 13.19 8.27 26.91
CA ILE C 11 14.50 8.45 27.53
C ILE C 11 15.60 8.09 26.56
N TYR C 12 15.39 7.05 25.76
CA TYR C 12 16.41 6.59 24.83
C TYR C 12 16.58 7.55 23.66
N ILE C 13 15.46 8.12 23.19
CA ILE C 13 15.53 9.13 22.13
C ILE C 13 16.22 10.38 22.65
N TYR C 14 16.01 10.72 23.92
CA TYR C 14 16.72 11.87 24.49
C TYR C 14 18.21 11.59 24.66
N LYS C 15 18.59 10.36 24.99
CA LYS C 15 20.01 10.00 25.07
C LYS C 15 20.67 10.05 23.70
N VAL C 16 19.98 9.57 22.67
CA VAL C 16 20.50 9.63 21.30
C VAL C 16 20.66 11.07 20.85
N LEU C 17 19.70 11.93 21.21
CA LEU C 17 19.79 13.35 20.87
C LEU C 17 20.95 14.02 21.59
N LYS C 18 21.18 13.67 22.85
CA LYS C 18 22.31 14.30 23.53
C LYS C 18 23.66 13.74 23.13
N GLN C 19 23.72 12.55 22.51
CA GLN C 19 24.96 12.23 21.81
C GLN C 19 25.11 13.01 20.51
N VAL C 20 24.01 13.19 19.77
CA VAL C 20 24.12 13.84 18.47
C VAL C 20 24.27 15.35 18.62
N HIS C 21 23.37 15.98 19.35
CA HIS C 21 23.43 17.42 19.60
C HIS C 21 23.46 17.70 21.09
N PRO C 22 24.59 18.14 21.65
CA PRO C 22 24.69 18.26 23.11
C PRO C 22 23.88 19.41 23.71
N ASP C 23 23.40 20.35 22.90
CA ASP C 23 22.71 21.52 23.43
C ASP C 23 21.34 21.76 22.82
N THR C 24 20.76 20.76 22.15
CA THR C 24 19.45 20.92 21.51
C THR C 24 18.42 20.12 22.29
N GLY C 25 17.37 20.79 22.75
CA GLY C 25 16.25 20.13 23.40
C GLY C 25 15.25 19.65 22.39
N ILE C 26 14.14 19.11 22.89
CA ILE C 26 13.09 18.57 22.04
C ILE C 26 11.75 18.74 22.72
N SER C 27 10.75 19.16 21.95
CA SER C 27 9.41 19.38 22.47
C SER C 27 8.73 18.05 22.70
N SER C 28 7.58 18.11 23.39
CA SER C 28 6.87 16.88 23.74
C SER C 28 6.24 16.24 22.51
N LYS C 29 5.70 17.05 21.61
CA LYS C 29 5.04 16.50 20.43
C LYS C 29 6.07 15.92 19.46
N ALA C 30 7.26 16.52 19.38
CA ALA C 30 8.32 15.96 18.55
C ALA C 30 8.80 14.62 19.11
N MET C 31 8.85 14.50 20.45
CA MET C 31 9.18 13.22 21.06
C MET C 31 8.10 12.17 20.78
N SER C 32 6.82 12.57 20.80
CA SER C 32 5.76 11.61 20.52
C SER C 32 5.78 11.16 19.07
N ILE C 33 6.08 12.08 18.16
CA ILE C 33 6.25 11.75 16.74
C ILE C 33 7.42 10.78 16.57
N MET C 34 8.51 11.02 17.28
CA MET C 34 9.68 10.18 17.12
C MET C 34 9.48 8.82 17.75
N ASN C 35 8.70 8.76 18.83
CA ASN C 35 8.29 7.50 19.44
C ASN C 35 7.45 6.68 18.46
N SER C 36 6.52 7.35 17.77
CA SER C 36 5.71 6.66 16.75
C SER C 36 6.58 6.18 15.60
N PHE C 37 7.60 6.96 15.22
CA PHE C 37 8.52 6.55 14.17
C PHE C 37 9.34 5.33 14.56
N VAL C 38 9.85 5.31 15.80
CA VAL C 38 10.61 4.17 16.29
C VAL C 38 9.75 2.92 16.36
N ASN C 39 8.51 3.05 16.84
CA ASN C 39 7.63 1.89 16.90
C ASN C 39 7.20 1.42 15.52
N ASP C 40 7.08 2.32 14.55
CA ASP C 40 6.73 1.90 13.20
C ASP C 40 7.88 1.18 12.52
N ILE C 41 9.12 1.65 12.73
CA ILE C 41 10.28 0.93 12.22
C ILE C 41 10.41 -0.44 12.86
N PHE C 42 10.11 -0.52 14.17
CA PHE C 42 10.15 -1.79 14.88
C PHE C 42 9.11 -2.76 14.33
N GLU C 43 7.88 -2.30 14.09
CA GLU C 43 6.86 -3.23 13.62
C GLU C 43 7.10 -3.63 12.16
N ARG C 44 7.68 -2.74 11.34
CA ARG C 44 8.03 -3.09 9.97
C ARG C 44 9.11 -4.16 9.91
N ILE C 45 10.20 -3.96 10.65
CA ILE C 45 11.31 -4.91 10.62
C ILE C 45 10.90 -6.23 11.27
N ALA C 46 10.11 -6.18 12.34
CA ALA C 46 9.68 -7.40 13.00
C ALA C 46 8.70 -8.20 12.14
N ALA C 47 7.79 -7.52 11.43
CA ALA C 47 6.88 -8.22 10.54
C ALA C 47 7.61 -8.85 9.36
N GLU C 48 8.61 -8.15 8.81
CA GLU C 48 9.37 -8.74 7.71
C GLU C 48 10.24 -9.90 8.19
N ALA C 49 10.79 -9.83 9.40
CA ALA C 49 11.55 -10.95 9.94
C ALA C 49 10.65 -12.14 10.22
N SER C 50 9.41 -11.89 10.65
CA SER C 50 8.44 -12.97 10.81
C SER C 50 8.10 -13.62 9.48
N ARG C 51 7.95 -12.81 8.43
CA ARG C 51 7.66 -13.35 7.10
C ARG C 51 8.82 -14.18 6.57
N LEU C 52 10.05 -13.72 6.80
CA LEU C 52 11.22 -14.50 6.38
C LEU C 52 11.37 -15.77 7.20
N ALA C 53 10.96 -15.75 8.47
CA ALA C 53 10.99 -16.96 9.28
C ALA C 53 9.98 -17.97 8.77
N HIS C 54 8.79 -17.52 8.40
CA HIS C 54 7.75 -18.44 7.94
C HIS C 54 8.04 -18.95 6.54
N TYR C 55 8.67 -18.12 5.70
CA TYR C 55 8.80 -18.44 4.28
C TYR C 55 9.80 -19.56 4.02
N ASN C 56 10.77 -19.76 4.91
CA ASN C 56 11.82 -20.75 4.73
C ASN C 56 11.55 -22.02 5.52
N LYS C 57 10.32 -22.19 6.04
CA LYS C 57 9.92 -23.30 6.92
C LYS C 57 10.79 -23.36 8.17
N ARG C 58 11.19 -22.19 8.67
CA ARG C 58 11.98 -22.06 9.88
C ARG C 58 11.08 -21.56 11.01
N SER C 59 11.60 -21.62 12.24
CA SER C 59 10.78 -21.24 13.39
C SER C 59 11.56 -20.36 14.35
N THR C 60 12.45 -19.51 13.85
CA THR C 60 13.20 -18.63 14.72
C THR C 60 13.49 -17.33 13.99
N ILE C 61 13.85 -16.31 14.77
CA ILE C 61 14.29 -15.03 14.23
C ILE C 61 15.72 -14.82 14.75
N THR C 62 16.70 -15.13 13.91
CA THR C 62 18.09 -14.90 14.24
C THR C 62 18.49 -13.51 13.75
N SER C 63 19.79 -13.22 13.76
CA SER C 63 20.25 -11.93 13.26
C SER C 63 20.17 -11.85 11.74
N ARG C 64 20.21 -12.99 11.04
CA ARG C 64 20.17 -12.97 9.58
C ARG C 64 18.81 -12.52 9.07
N GLU C 65 17.73 -12.92 9.76
CA GLU C 65 16.39 -12.50 9.35
C GLU C 65 16.23 -11.00 9.47
N ILE C 66 16.76 -10.40 10.55
CA ILE C 66 16.66 -8.96 10.72
C ILE C 66 17.59 -8.23 9.76
N GLN C 67 18.75 -8.82 9.45
CA GLN C 67 19.63 -8.23 8.45
C GLN C 67 18.99 -8.21 7.06
N THR C 68 18.35 -9.32 6.69
CA THR C 68 17.65 -9.37 5.41
C THR C 68 16.43 -8.46 5.40
N ALA C 69 15.74 -8.33 6.55
CA ALA C 69 14.61 -7.41 6.63
C ALA C 69 15.05 -5.96 6.49
N VAL C 70 16.21 -5.62 7.06
CA VAL C 70 16.76 -4.27 6.91
C VAL C 70 17.15 -4.03 5.46
N ARG C 71 17.72 -5.04 4.81
CA ARG C 71 18.09 -4.92 3.41
C ARG C 71 16.87 -4.77 2.50
N LEU C 72 15.76 -5.43 2.83
CA LEU C 72 14.54 -5.28 2.04
C LEU C 72 13.84 -3.96 2.29
N LEU C 73 13.79 -3.50 3.54
CA LEU C 73 13.01 -2.31 3.86
C LEU C 73 13.79 -1.02 3.60
N LEU C 74 14.99 -0.89 4.14
CA LEU C 74 15.72 0.36 4.07
C LEU C 74 16.28 0.58 2.68
N PRO C 75 16.13 1.76 2.08
CA PRO C 75 16.67 1.99 0.75
C PRO C 75 18.04 2.66 0.74
N GLY C 76 18.88 2.27 -0.23
CA GLY C 76 20.07 3.03 -0.57
C GLY C 76 21.19 2.99 0.45
N GLU C 77 21.69 4.18 0.79
CA GLU C 77 22.80 4.32 1.73
C GLU C 77 22.41 3.87 3.13
N LEU C 78 21.15 4.11 3.52
CA LEU C 78 20.67 3.75 4.85
C LEU C 78 20.73 2.25 5.09
N ALA C 79 20.50 1.46 4.04
CA ALA C 79 20.50 0.00 4.17
C ALA C 79 21.88 -0.51 4.58
N LYS C 80 22.91 -0.14 3.84
CA LYS C 80 24.23 -0.67 4.16
C LYS C 80 24.85 0.01 5.37
N HIS C 81 24.47 1.27 5.65
CA HIS C 81 24.93 1.90 6.89
C HIS C 81 24.32 1.23 8.12
N ALA C 82 23.03 0.89 8.09
CA ALA C 82 22.41 0.22 9.21
C ALA C 82 22.88 -1.22 9.34
N VAL C 83 23.17 -1.89 8.21
CA VAL C 83 23.73 -3.25 8.28
C VAL C 83 25.11 -3.25 8.91
N SER C 84 25.96 -2.27 8.55
CA SER C 84 27.28 -2.18 9.17
C SER C 84 27.19 -1.83 10.65
N GLU C 85 26.25 -0.95 11.02
CA GLU C 85 26.04 -0.60 12.41
C GLU C 85 25.57 -1.79 13.24
N GLY C 86 24.60 -2.54 12.72
CA GLY C 86 24.12 -3.71 13.44
C GLY C 86 25.17 -4.81 13.53
N THR C 87 25.99 -4.96 12.48
CA THR C 87 27.04 -5.98 12.50
C THR C 87 28.10 -5.65 13.54
N LYS C 88 28.51 -4.37 13.65
CA LYS C 88 29.51 -4.07 14.67
C LYS C 88 28.92 -4.10 16.07
N ALA C 89 27.60 -3.85 16.20
CA ALA C 89 26.99 -3.98 17.51
C ALA C 89 26.86 -5.44 17.96
N VAL C 90 26.53 -6.33 17.03
CA VAL C 90 26.47 -7.76 17.36
C VAL C 90 27.87 -8.30 17.67
N THR C 91 28.89 -7.82 16.95
CA THR C 91 30.26 -8.20 17.25
C THR C 91 30.71 -7.70 18.62
N LYS C 92 30.34 -6.46 18.97
CA LYS C 92 30.66 -5.92 20.29
C LYS C 92 29.88 -6.63 21.39
N TYR C 93 28.68 -7.13 21.09
CA TYR C 93 27.97 -7.98 22.05
C TYR C 93 28.73 -9.27 22.30
N THR C 94 29.06 -9.98 21.23
CA THR C 94 29.58 -11.34 21.37
C THR C 94 30.99 -11.32 21.96
N SER C 95 31.79 -10.32 21.61
CA SER C 95 33.14 -10.24 22.15
C SER C 95 33.17 -9.86 23.63
N SER C 96 32.10 -9.25 24.14
CA SER C 96 32.04 -8.85 25.55
C SER C 96 31.35 -9.90 26.41
N LYS C 97 30.89 -11.01 25.84
CA LYS C 97 30.26 -12.07 26.61
C LYS C 97 31.28 -12.83 27.45
N LYS D 1 6.98 -43.48 -4.11
CA LYS D 1 8.23 -42.73 -4.14
C LYS D 1 7.96 -41.25 -4.38
N LYS D 2 6.94 -40.73 -3.72
CA LYS D 2 6.59 -39.32 -3.86
C LYS D 2 7.61 -38.43 -3.16
N ARG D 3 7.68 -37.18 -3.61
CA ARG D 3 8.66 -36.25 -3.06
C ARG D 3 8.20 -35.68 -1.73
N LYS D 4 7.08 -34.96 -1.73
CA LYS D 4 6.56 -34.33 -0.53
C LYS D 4 5.07 -34.09 -0.69
N ARG D 5 4.40 -33.89 0.43
CA ARG D 5 2.99 -33.55 0.43
C ARG D 5 2.81 -32.06 0.18
N LYS D 6 1.91 -31.72 -0.72
CA LYS D 6 1.57 -30.33 -1.00
C LYS D 6 0.12 -30.07 -0.60
N GLU D 7 -0.07 -29.25 0.41
CA GLU D 7 -1.39 -28.94 0.92
C GLU D 7 -1.97 -27.79 0.10
N SER D 8 -3.16 -27.99 -0.46
CA SER D 8 -3.77 -27.00 -1.32
C SER D 8 -5.28 -27.10 -1.21
N TYR D 9 -5.95 -26.04 -1.65
CA TYR D 9 -7.41 -25.95 -1.58
C TYR D 9 -8.08 -26.35 -2.88
N ALA D 10 -7.45 -27.20 -3.69
CA ALA D 10 -7.94 -27.43 -5.05
C ALA D 10 -9.23 -28.23 -5.07
N ILE D 11 -9.31 -29.32 -4.29
CA ILE D 11 -10.50 -30.15 -4.33
C ILE D 11 -11.67 -29.45 -3.65
N TYR D 12 -11.39 -28.55 -2.71
CA TYR D 12 -12.46 -27.79 -2.07
C TYR D 12 -13.04 -26.76 -3.03
N ILE D 13 -12.19 -26.10 -3.83
CA ILE D 13 -12.65 -25.20 -4.86
C ILE D 13 -13.43 -25.95 -5.92
N TYR D 14 -13.04 -27.19 -6.21
CA TYR D 14 -13.80 -27.99 -7.16
C TYR D 14 -15.16 -28.40 -6.61
N LYS D 15 -15.24 -28.68 -5.31
CA LYS D 15 -16.54 -28.96 -4.69
C LYS D 15 -17.46 -27.75 -4.72
N VAL D 16 -16.91 -26.56 -4.44
CA VAL D 16 -17.71 -25.34 -4.46
C VAL D 16 -18.17 -25.03 -5.89
N LEU D 17 -17.29 -25.27 -6.87
CA LEU D 17 -17.66 -25.06 -8.27
C LEU D 17 -18.77 -26.03 -8.72
N LYS D 18 -18.67 -27.30 -8.34
CA LYS D 18 -19.75 -28.21 -8.72
C LYS D 18 -21.01 -28.02 -7.91
N GLN D 19 -20.96 -27.32 -6.78
CA GLN D 19 -22.23 -26.93 -6.20
C GLN D 19 -22.77 -25.63 -6.79
N VAL D 20 -21.93 -24.84 -7.47
CA VAL D 20 -22.38 -23.61 -8.09
C VAL D 20 -22.75 -23.84 -9.56
N HIS D 21 -21.80 -24.38 -10.34
CA HIS D 21 -22.01 -24.68 -11.75
C HIS D 21 -21.79 -26.17 -12.00
N PRO D 22 -22.86 -26.96 -12.13
CA PRO D 22 -22.69 -28.42 -12.19
C PRO D 22 -22.08 -28.93 -13.48
N ASP D 23 -22.05 -28.14 -14.56
CA ASP D 23 -21.58 -28.62 -15.85
C ASP D 23 -20.39 -27.84 -16.40
N THR D 24 -19.68 -27.09 -15.56
CA THR D 24 -18.54 -26.29 -15.98
C THR D 24 -17.29 -26.77 -15.24
N GLY D 25 -16.25 -27.09 -16.00
CA GLY D 25 -14.98 -27.47 -15.43
C GLY D 25 -14.11 -26.26 -15.14
N ILE D 26 -12.83 -26.52 -14.92
CA ILE D 26 -11.88 -25.48 -14.56
C ILE D 26 -10.49 -25.91 -14.99
N SER D 27 -9.71 -24.96 -15.51
CA SER D 27 -8.36 -25.27 -15.95
C SER D 27 -7.42 -25.32 -14.75
N SER D 28 -6.22 -25.85 -14.98
CA SER D 28 -5.25 -25.99 -13.89
C SER D 28 -4.67 -24.64 -13.51
N LYS D 29 -4.48 -23.74 -14.47
CA LYS D 29 -3.98 -22.42 -14.16
C LYS D 29 -5.03 -21.60 -13.42
N ALA D 30 -6.30 -21.80 -13.73
CA ALA D 30 -7.37 -21.15 -12.98
C ALA D 30 -7.44 -21.68 -11.56
N MET D 31 -7.21 -22.98 -11.38
CA MET D 31 -7.14 -23.54 -10.03
C MET D 31 -5.97 -22.98 -9.25
N SER D 32 -4.83 -22.76 -9.91
CA SER D 32 -3.69 -22.16 -9.22
C SER D 32 -3.98 -20.71 -8.84
N ILE D 33 -4.69 -19.98 -9.71
CA ILE D 33 -5.05 -18.60 -9.42
C ILE D 33 -6.01 -18.53 -8.23
N MET D 34 -7.00 -19.40 -8.18
CA MET D 34 -7.93 -19.36 -7.05
C MET D 34 -7.34 -19.97 -5.78
N ASN D 35 -6.37 -20.86 -5.90
CA ASN D 35 -5.60 -21.28 -4.73
C ASN D 35 -4.84 -20.11 -4.14
N SER D 36 -4.21 -19.30 -5.01
CA SER D 36 -3.51 -18.11 -4.55
C SER D 36 -4.48 -17.09 -3.95
N PHE D 37 -5.67 -16.97 -4.55
CA PHE D 37 -6.68 -16.03 -4.06
C PHE D 37 -7.21 -16.43 -2.69
N VAL D 38 -7.48 -17.72 -2.51
CA VAL D 38 -7.98 -18.24 -1.23
C VAL D 38 -6.92 -18.08 -0.15
N ASN D 39 -5.65 -18.37 -0.48
CA ASN D 39 -4.58 -18.17 0.49
C ASN D 39 -4.35 -16.70 0.81
N ASP D 40 -4.54 -15.81 -0.16
CA ASP D 40 -4.38 -14.39 0.11
C ASP D 40 -5.49 -13.85 0.99
N ILE D 41 -6.73 -14.30 0.76
CA ILE D 41 -7.85 -13.90 1.62
C ILE D 41 -7.65 -14.42 3.04
N PHE D 42 -7.18 -15.66 3.17
CA PHE D 42 -6.90 -16.22 4.48
C PHE D 42 -5.81 -15.44 5.20
N GLU D 43 -4.75 -15.06 4.48
CA GLU D 43 -3.66 -14.30 5.09
C GLU D 43 -4.11 -12.92 5.51
N ARG D 44 -4.94 -12.26 4.69
CA ARG D 44 -5.44 -10.91 5.03
C ARG D 44 -6.33 -10.95 6.27
N ILE D 45 -7.31 -11.86 6.30
CA ILE D 45 -8.24 -11.90 7.42
C ILE D 45 -7.53 -12.38 8.69
N ALA D 46 -6.60 -13.32 8.57
CA ALA D 46 -5.88 -13.81 9.73
C ALA D 46 -4.94 -12.75 10.30
N ALA D 47 -4.28 -11.98 9.43
CA ALA D 47 -3.41 -10.90 9.90
C ALA D 47 -4.20 -9.80 10.57
N GLU D 48 -5.36 -9.45 10.02
CA GLU D 48 -6.17 -8.41 10.64
C GLU D 48 -6.78 -8.88 11.95
N ALA D 49 -7.16 -10.15 12.05
CA ALA D 49 -7.68 -10.69 13.30
C ALA D 49 -6.61 -10.75 14.37
N SER D 50 -5.37 -11.10 13.99
CA SER D 50 -4.26 -11.07 14.93
C SER D 50 -3.98 -9.65 15.43
N ARG D 51 -4.01 -8.68 14.51
CA ARG D 51 -3.76 -7.30 14.88
C ARG D 51 -4.87 -6.75 15.78
N LEU D 52 -6.12 -7.13 15.50
CA LEU D 52 -7.25 -6.74 16.34
C LEU D 52 -7.18 -7.35 17.72
N ALA D 53 -6.75 -8.62 17.83
CA ALA D 53 -6.61 -9.24 19.13
C ALA D 53 -5.46 -8.62 19.90
N HIS D 54 -4.40 -8.20 19.20
CA HIS D 54 -3.29 -7.57 19.88
C HIS D 54 -3.61 -6.17 20.37
N TYR D 55 -4.42 -5.41 19.62
CA TYR D 55 -4.68 -4.03 19.99
C TYR D 55 -5.63 -3.87 21.18
N ASN D 56 -6.35 -4.92 21.57
CA ASN D 56 -7.23 -4.86 22.73
C ASN D 56 -6.63 -5.52 23.95
N LYS D 57 -5.34 -5.86 23.90
CA LYS D 57 -4.61 -6.62 24.92
C LYS D 57 -5.30 -7.95 25.21
N ARG D 58 -5.75 -8.60 24.15
CA ARG D 58 -6.39 -9.90 24.20
C ARG D 58 -5.42 -10.92 23.62
N SER D 59 -5.65 -12.20 23.91
CA SER D 59 -4.72 -13.23 23.49
C SER D 59 -5.43 -14.44 22.89
N THR D 60 -6.61 -14.25 22.32
CA THR D 60 -7.32 -15.32 21.64
C THR D 60 -8.07 -14.74 20.45
N ILE D 61 -7.89 -15.34 19.28
CA ILE D 61 -8.65 -14.98 18.09
C ILE D 61 -9.96 -15.75 18.16
N THR D 62 -11.03 -15.09 18.57
CA THR D 62 -12.35 -15.70 18.61
C THR D 62 -13.05 -15.46 17.29
N SER D 63 -14.35 -15.79 17.21
CA SER D 63 -15.10 -15.51 16.00
C SER D 63 -15.44 -14.04 15.85
N ARG D 64 -15.46 -13.29 16.96
CA ARG D 64 -15.76 -11.87 16.91
C ARG D 64 -14.64 -11.10 16.24
N GLU D 65 -13.39 -11.52 16.47
CA GLU D 65 -12.26 -10.90 15.77
C GLU D 65 -12.32 -11.15 14.27
N ILE D 66 -12.74 -12.36 13.87
CA ILE D 66 -12.89 -12.66 12.46
C ILE D 66 -14.03 -11.85 11.85
N GLN D 67 -15.12 -11.67 12.60
CA GLN D 67 -16.24 -10.86 12.12
C GLN D 67 -15.85 -9.40 11.94
N THR D 68 -15.10 -8.85 12.89
CA THR D 68 -14.67 -7.46 12.77
C THR D 68 -13.64 -7.29 11.67
N ALA D 69 -12.76 -8.29 11.48
CA ALA D 69 -11.80 -8.24 10.39
C ALA D 69 -12.48 -8.31 9.03
N VAL D 70 -13.54 -9.12 8.93
CA VAL D 70 -14.29 -9.21 7.68
C VAL D 70 -15.03 -7.90 7.41
N ARG D 71 -15.61 -7.30 8.45
CA ARG D 71 -16.25 -6.00 8.29
C ARG D 71 -15.26 -4.89 7.97
N LEU D 72 -13.99 -5.06 8.31
CA LEU D 72 -12.99 -4.05 7.98
C LEU D 72 -12.48 -4.20 6.55
N LEU D 73 -12.02 -5.40 6.17
CA LEU D 73 -11.39 -5.57 4.87
C LEU D 73 -12.40 -5.57 3.73
N LEU D 74 -13.50 -6.31 3.88
CA LEU D 74 -14.42 -6.48 2.76
C LEU D 74 -15.31 -5.25 2.59
N PRO D 75 -15.41 -4.70 1.39
CA PRO D 75 -16.23 -3.51 1.19
C PRO D 75 -17.65 -3.80 0.71
N GLY D 76 -18.57 -2.99 1.19
CA GLY D 76 -19.90 -2.94 0.59
C GLY D 76 -20.77 -4.11 0.97
N GLU D 77 -21.44 -4.68 -0.04
CA GLU D 77 -22.37 -5.79 0.19
C GLU D 77 -21.65 -7.08 0.55
N LEU D 78 -20.38 -7.20 0.15
CA LEU D 78 -19.60 -8.39 0.47
C LEU D 78 -19.40 -8.56 1.96
N ALA D 79 -19.27 -7.45 2.69
CA ALA D 79 -19.09 -7.50 4.14
C ALA D 79 -20.32 -8.06 4.83
N LYS D 80 -21.50 -7.54 4.50
CA LYS D 80 -22.71 -7.98 5.18
C LYS D 80 -23.12 -9.39 4.74
N HIS D 81 -22.88 -9.75 3.46
CA HIS D 81 -23.16 -11.11 3.03
C HIS D 81 -22.22 -12.11 3.66
N ALA D 82 -20.93 -11.74 3.80
CA ALA D 82 -19.97 -12.63 4.44
C ALA D 82 -20.24 -12.80 5.92
N VAL D 83 -20.66 -11.74 6.62
CA VAL D 83 -20.92 -11.92 8.04
C VAL D 83 -22.22 -12.67 8.27
N SER D 84 -23.19 -12.56 7.35
CA SER D 84 -24.39 -13.40 7.47
C SER D 84 -24.07 -14.87 7.22
N GLU D 85 -23.21 -15.14 6.24
CA GLU D 85 -22.77 -16.51 5.96
C GLU D 85 -22.01 -17.10 7.15
N GLY D 86 -21.09 -16.32 7.71
CA GLY D 86 -20.32 -16.79 8.85
C GLY D 86 -21.15 -17.00 10.09
N THR D 87 -22.11 -16.10 10.33
CA THR D 87 -22.99 -16.24 11.49
C THR D 87 -23.87 -17.47 11.38
N LYS D 88 -24.41 -17.76 10.19
CA LYS D 88 -25.24 -18.96 10.12
C LYS D 88 -24.40 -20.24 10.14
N ALA D 89 -23.14 -20.19 9.68
CA ALA D 89 -22.28 -21.36 9.80
C ALA D 89 -21.89 -21.63 11.25
N VAL D 90 -21.58 -20.59 12.01
CA VAL D 90 -21.24 -20.77 13.42
C VAL D 90 -22.47 -21.22 14.21
N THR D 91 -23.66 -20.73 13.85
CA THR D 91 -24.88 -21.16 14.49
C THR D 91 -25.17 -22.64 14.20
N LYS D 92 -24.92 -23.07 12.96
CA LYS D 92 -25.09 -24.48 12.61
C LYS D 92 -24.08 -25.37 13.36
N TYR D 93 -22.86 -24.86 13.55
CA TYR D 93 -21.86 -25.59 14.34
C TYR D 93 -22.33 -25.77 15.78
N THR D 94 -22.75 -24.68 16.41
CA THR D 94 -23.14 -24.72 17.82
C THR D 94 -24.38 -25.58 18.03
N SER D 95 -25.33 -25.53 17.09
CA SER D 95 -26.50 -26.40 17.18
C SER D 95 -26.15 -27.86 16.94
N SER D 96 -25.20 -28.15 16.06
CA SER D 96 -24.86 -29.53 15.72
C SER D 96 -23.82 -30.14 16.65
N LYS D 97 -23.37 -29.42 17.67
CA LYS D 97 -22.44 -29.98 18.64
C LYS D 97 -23.12 -31.00 19.55
N LYS E 1 -4.00 0.62 -60.97
CA LYS E 1 -5.01 1.15 -60.05
C LYS E 1 -4.39 1.52 -58.71
N LYS E 2 -4.99 2.48 -58.02
CA LYS E 2 -4.50 2.88 -56.72
C LYS E 2 -4.84 1.80 -55.68
N PRO E 3 -3.89 1.43 -54.82
CA PRO E 3 -4.18 0.43 -53.79
C PRO E 3 -5.10 0.97 -52.71
N HIS E 4 -5.83 0.05 -52.08
CA HIS E 4 -6.80 0.42 -51.04
C HIS E 4 -6.04 0.57 -49.73
N ARG E 5 -5.76 1.81 -49.35
CA ARG E 5 -4.94 2.12 -48.20
C ARG E 5 -5.79 2.77 -47.12
N TYR E 6 -5.70 2.26 -45.91
CA TYR E 6 -6.54 2.71 -44.81
C TYR E 6 -6.11 4.08 -44.33
N ARG E 7 -7.04 4.79 -43.72
CA ARG E 7 -6.74 6.09 -43.14
C ARG E 7 -5.86 5.91 -41.91
N PRO E 8 -5.03 6.92 -41.59
CA PRO E 8 -4.24 6.83 -40.36
C PRO E 8 -5.11 6.92 -39.13
N GLY E 9 -5.27 5.79 -38.44
CA GLY E 9 -6.09 5.75 -37.26
C GLY E 9 -6.99 4.53 -37.21
N THR E 10 -7.34 3.97 -38.37
CA THR E 10 -8.22 2.81 -38.40
C THR E 10 -7.50 1.55 -37.94
N VAL E 11 -6.27 1.35 -38.43
CA VAL E 11 -5.48 0.17 -38.07
C VAL E 11 -5.09 0.23 -36.60
N ALA E 12 -4.86 1.42 -36.06
CA ALA E 12 -4.58 1.58 -34.64
C ALA E 12 -5.76 1.17 -33.78
N LEU E 13 -6.98 1.54 -34.20
CA LEU E 13 -8.17 1.14 -33.45
C LEU E 13 -8.41 -0.36 -33.54
N ARG E 14 -8.12 -0.95 -34.70
CA ARG E 14 -8.23 -2.41 -34.82
C ARG E 14 -7.22 -3.12 -33.93
N GLU E 15 -6.00 -2.58 -33.83
CA GLU E 15 -5.00 -3.20 -32.95
C GLU E 15 -5.37 -3.03 -31.49
N ILE E 16 -6.01 -1.91 -31.13
CA ILE E 16 -6.50 -1.75 -29.76
C ILE E 16 -7.59 -2.77 -29.46
N ARG E 17 -8.52 -2.96 -30.39
CA ARG E 17 -9.59 -3.93 -30.18
C ARG E 17 -9.10 -5.37 -30.23
N ARG E 18 -7.94 -5.61 -30.85
CA ARG E 18 -7.42 -6.97 -30.93
C ARG E 18 -6.54 -7.33 -29.75
N TYR E 19 -5.64 -6.43 -29.33
CA TYR E 19 -4.74 -6.78 -28.24
C TYR E 19 -5.40 -6.67 -26.87
N GLN E 20 -6.50 -5.94 -26.75
CA GLN E 20 -7.26 -5.96 -25.50
C GLN E 20 -8.07 -7.24 -25.35
N LYS E 21 -8.35 -7.92 -26.45
CA LYS E 21 -9.09 -9.18 -26.46
C LYS E 21 -8.17 -10.38 -26.28
N SER E 22 -6.90 -10.25 -26.65
CA SER E 22 -5.97 -11.35 -26.57
C SER E 22 -5.50 -11.54 -25.12
N THR E 23 -4.64 -12.53 -24.93
CA THR E 23 -4.25 -12.97 -23.60
C THR E 23 -2.73 -13.10 -23.49
N GLU E 24 -2.08 -13.46 -24.60
CA GLU E 24 -0.70 -13.92 -24.61
C GLU E 24 0.27 -12.80 -24.28
N LEU E 25 1.50 -13.20 -23.92
CA LEU E 25 2.55 -12.28 -23.52
C LEU E 25 3.08 -11.55 -24.75
N LEU E 26 3.00 -10.22 -24.73
CA LEU E 26 3.32 -9.45 -25.92
C LEU E 26 4.81 -9.34 -26.15
N ILE E 27 5.60 -9.21 -25.08
CA ILE E 27 7.05 -9.17 -25.23
C ILE E 27 7.58 -10.56 -25.53
N ARG E 28 8.56 -10.63 -26.44
CA ARG E 28 9.20 -11.89 -26.77
C ARG E 28 9.94 -12.44 -25.55
N LYS E 29 9.96 -13.77 -25.42
CA LYS E 29 10.40 -14.38 -24.17
C LYS E 29 11.92 -14.33 -24.01
N LEU E 30 12.66 -14.64 -25.07
CA LEU E 30 14.12 -14.70 -25.02
C LEU E 30 14.82 -13.35 -24.81
N PRO E 31 14.45 -12.23 -25.47
CA PRO E 31 15.08 -10.95 -25.09
C PRO E 31 14.74 -10.48 -23.69
N PHE E 32 13.53 -10.78 -23.20
CA PHE E 32 13.21 -10.44 -21.83
C PHE E 32 14.00 -11.28 -20.85
N GLN E 33 14.25 -12.55 -21.20
CA GLN E 33 15.08 -13.41 -20.36
C GLN E 33 16.52 -12.90 -20.32
N ARG E 34 17.03 -12.43 -21.46
CA ARG E 34 18.36 -11.83 -21.47
C ARG E 34 18.43 -10.55 -20.66
N LEU E 35 17.37 -9.74 -20.72
CA LEU E 35 17.31 -8.51 -19.93
C LEU E 35 17.29 -8.80 -18.43
N VAL E 36 16.51 -9.80 -18.02
CA VAL E 36 16.44 -10.19 -16.62
C VAL E 36 17.80 -10.71 -16.14
N ARG E 37 18.49 -11.48 -16.97
CA ARG E 37 19.79 -11.99 -16.56
C ARG E 37 20.84 -10.87 -16.48
N GLU E 38 20.79 -9.90 -17.40
CA GLU E 38 21.69 -8.76 -17.34
C GLU E 38 21.47 -7.93 -16.09
N ILE E 39 20.21 -7.69 -15.72
CA ILE E 39 19.93 -6.91 -14.53
C ILE E 39 20.29 -7.71 -13.28
N ALA E 40 20.04 -9.01 -13.28
CA ALA E 40 20.27 -9.83 -12.09
C ALA E 40 21.73 -10.10 -11.84
N GLN E 41 22.59 -10.04 -12.87
CA GLN E 41 23.99 -10.33 -12.61
C GLN E 41 24.74 -9.15 -12.00
N ASP E 42 24.09 -7.99 -11.83
CA ASP E 42 24.70 -6.91 -11.06
C ASP E 42 24.64 -7.21 -9.57
N PHE E 43 23.53 -7.75 -9.09
CA PHE E 43 23.36 -8.00 -7.67
C PHE E 43 24.14 -9.22 -7.20
N LYS E 44 24.19 -10.27 -8.02
CA LYS E 44 24.88 -11.50 -7.64
C LYS E 44 25.37 -12.20 -8.89
N THR E 45 26.67 -12.48 -8.96
CA THR E 45 27.23 -13.17 -10.09
C THR E 45 26.90 -14.66 -10.04
N ASP E 46 26.77 -15.25 -11.23
CA ASP E 46 26.45 -16.67 -11.43
C ASP E 46 25.15 -17.06 -10.73
N LEU E 47 24.07 -16.46 -11.20
CA LEU E 47 22.73 -16.78 -10.72
C LEU E 47 22.04 -17.75 -11.67
N ARG E 48 21.12 -18.52 -11.13
CA ARG E 48 20.29 -19.42 -11.89
C ARG E 48 18.84 -18.97 -11.76
N PHE E 49 18.05 -19.21 -12.80
CA PHE E 49 16.65 -18.79 -12.82
C PHE E 49 15.78 -19.97 -13.20
N GLN E 50 14.71 -20.18 -12.47
CA GLN E 50 13.69 -21.08 -12.97
C GLN E 50 12.95 -20.42 -14.13
N SER E 51 12.32 -21.27 -14.96
CA SER E 51 11.50 -20.76 -16.05
C SER E 51 10.28 -20.01 -15.53
N SER E 52 9.67 -20.53 -14.46
CA SER E 52 8.48 -19.90 -13.91
C SER E 52 8.79 -18.55 -13.28
N ALA E 53 10.02 -18.35 -12.81
CA ALA E 53 10.42 -17.03 -12.31
C ALA E 53 10.50 -16.01 -13.43
N VAL E 54 11.04 -16.40 -14.59
CA VAL E 54 11.15 -15.48 -15.71
C VAL E 54 9.77 -15.16 -16.28
N MET E 55 8.89 -16.17 -16.36
CA MET E 55 7.53 -15.87 -16.81
C MET E 55 6.73 -15.06 -15.79
N ALA E 56 7.01 -15.22 -14.49
CA ALA E 56 6.39 -14.38 -13.49
C ALA E 56 6.83 -12.93 -13.60
N LEU E 57 8.14 -12.72 -13.84
CA LEU E 57 8.66 -11.38 -14.06
C LEU E 57 8.10 -10.76 -15.33
N GLN E 58 7.94 -11.57 -16.39
CA GLN E 58 7.38 -11.06 -17.64
C GLN E 58 5.92 -10.67 -17.48
N GLU E 59 5.14 -11.49 -16.79
CA GLU E 59 3.73 -11.17 -16.57
C GLU E 59 3.57 -9.92 -15.71
N ALA E 60 4.39 -9.78 -14.67
CA ALA E 60 4.32 -8.61 -13.80
C ALA E 60 4.74 -7.34 -14.52
N SER E 61 5.83 -7.41 -15.30
CA SER E 61 6.30 -6.25 -16.05
C SER E 61 5.32 -5.83 -17.12
N GLU E 62 4.71 -6.81 -17.81
CA GLU E 62 3.73 -6.49 -18.83
C GLU E 62 2.48 -5.86 -18.23
N ALA E 63 2.00 -6.38 -17.10
CA ALA E 63 0.82 -5.80 -16.47
C ALA E 63 1.08 -4.41 -15.91
N TYR E 64 2.28 -4.19 -15.35
CA TYR E 64 2.65 -2.87 -14.86
C TYR E 64 2.76 -1.86 -15.99
N LEU E 65 3.35 -2.27 -17.12
CA LEU E 65 3.48 -1.36 -18.25
C LEU E 65 2.14 -1.06 -18.89
N VAL E 66 1.23 -2.04 -18.93
CA VAL E 66 -0.10 -1.80 -19.48
C VAL E 66 -0.89 -0.83 -18.60
N GLY E 67 -0.80 -1.00 -17.27
CA GLY E 67 -1.46 -0.04 -16.37
C GLY E 67 -0.88 1.36 -16.47
N LEU E 68 0.45 1.45 -16.63
CA LEU E 68 1.08 2.74 -16.81
C LEU E 68 0.66 3.38 -18.13
N PHE E 69 0.46 2.58 -19.17
CA PHE E 69 0.01 3.14 -20.44
C PHE E 69 -1.44 3.58 -20.38
N GLU E 70 -2.28 2.93 -19.57
CA GLU E 70 -3.64 3.42 -19.35
C GLU E 70 -3.64 4.77 -18.66
N ASP E 71 -2.82 4.92 -17.61
CA ASP E 71 -2.73 6.21 -16.92
C ASP E 71 -2.13 7.30 -17.81
N THR E 72 -1.14 6.92 -18.63
CA THR E 72 -0.52 7.86 -19.56
C THR E 72 -1.50 8.31 -20.63
N ASN E 73 -2.34 7.39 -21.12
CA ASN E 73 -3.36 7.75 -22.10
C ASN E 73 -4.41 8.66 -21.49
N LEU E 74 -4.77 8.45 -20.23
CA LEU E 74 -5.70 9.36 -19.56
C LEU E 74 -5.10 10.75 -19.41
N CYS E 75 -3.79 10.83 -19.10
CA CYS E 75 -3.11 12.12 -19.06
C CYS E 75 -3.11 12.80 -20.43
N ALA E 76 -2.90 12.03 -21.49
CA ALA E 76 -2.82 12.60 -22.83
C ALA E 76 -4.19 13.10 -23.31
N ILE E 77 -5.25 12.34 -23.04
CA ILE E 77 -6.60 12.78 -23.38
C ILE E 77 -7.00 13.98 -22.54
N HIS E 78 -6.45 14.10 -21.32
CA HIS E 78 -6.73 15.26 -20.48
C HIS E 78 -6.20 16.56 -21.08
N ALA E 79 -5.04 16.50 -21.74
CA ALA E 79 -4.40 17.70 -22.27
C ALA E 79 -4.79 18.00 -23.71
N LYS E 80 -5.97 17.52 -24.14
CA LYS E 80 -6.51 17.70 -25.50
C LYS E 80 -5.56 17.15 -26.56
N ARG E 81 -5.10 15.92 -26.36
CA ARG E 81 -4.27 15.24 -27.33
C ARG E 81 -4.72 13.78 -27.42
N VAL E 82 -4.40 13.15 -28.56
CA VAL E 82 -4.55 11.71 -28.71
C VAL E 82 -3.20 11.00 -28.73
N THR E 83 -2.11 11.73 -28.87
CA THR E 83 -0.76 11.18 -28.87
C THR E 83 -0.18 11.27 -27.47
N ILE E 84 0.24 10.13 -26.93
CA ILE E 84 0.90 10.17 -25.64
C ILE E 84 2.32 10.71 -25.82
N MET E 85 2.76 11.48 -24.84
CA MET E 85 4.04 12.17 -24.87
C MET E 85 4.84 11.69 -23.66
N PRO E 86 6.16 11.90 -23.67
CA PRO E 86 6.95 11.56 -22.47
C PRO E 86 6.52 12.30 -21.22
N LYS E 87 6.08 13.56 -21.35
CA LYS E 87 5.62 14.32 -20.19
C LYS E 87 4.38 13.71 -19.57
N ASP E 88 3.56 13.01 -20.36
CA ASP E 88 2.46 12.24 -19.80
C ASP E 88 2.96 11.10 -18.92
N ILE E 89 4.06 10.46 -19.33
CA ILE E 89 4.63 9.38 -18.52
C ILE E 89 5.21 9.92 -17.22
N GLN E 90 5.92 11.05 -17.27
CA GLN E 90 6.41 11.63 -16.01
C GLN E 90 5.28 12.12 -15.12
N LEU E 91 4.19 12.65 -15.69
CA LEU E 91 3.06 13.06 -14.86
C LEU E 91 2.37 11.88 -14.21
N ALA E 92 2.18 10.78 -14.96
CA ALA E 92 1.54 9.60 -14.42
C ALA E 92 2.38 8.96 -13.32
N ARG E 93 3.70 8.89 -13.52
CA ARG E 93 4.56 8.32 -12.49
C ARG E 93 4.72 9.25 -11.30
N ARG E 94 4.55 10.56 -11.50
CA ARG E 94 4.63 11.49 -10.38
C ARG E 94 3.38 11.42 -9.51
N ILE E 95 2.20 11.35 -10.14
CA ILE E 95 0.96 11.27 -9.38
C ILE E 95 0.82 9.91 -8.72
N ARG E 96 1.26 8.84 -9.40
CA ARG E 96 1.26 7.51 -8.80
C ARG E 96 2.21 7.42 -7.62
N GLY E 97 3.26 8.23 -7.60
CA GLY E 97 4.24 8.21 -6.54
C GLY E 97 5.49 7.42 -6.84
N GLU E 98 5.69 7.00 -8.09
CA GLU E 98 6.82 6.17 -8.44
C GLU E 98 8.09 6.97 -8.72
N ARG E 99 8.02 8.29 -8.70
CA ARG E 99 9.20 9.11 -8.97
C ARG E 99 10.08 9.16 -7.73
N ALA E 100 11.24 8.52 -7.81
CA ALA E 100 12.17 8.48 -6.68
C ALA E 100 12.83 9.83 -6.45
N LYS F 1 -6.11 60.29 -5.26
CA LYS F 1 -5.67 59.34 -6.29
C LYS F 1 -6.29 57.97 -6.07
N LYS F 2 -6.04 57.06 -7.01
CA LYS F 2 -6.51 55.69 -6.86
C LYS F 2 -5.73 54.98 -5.76
N PRO F 3 -6.36 54.06 -5.03
CA PRO F 3 -5.65 53.31 -3.99
C PRO F 3 -4.61 52.37 -4.59
N HIS F 4 -3.60 52.06 -3.78
CA HIS F 4 -2.53 51.15 -4.19
C HIS F 4 -3.09 49.74 -4.25
N ARG F 5 -3.42 49.30 -5.46
CA ARG F 5 -4.13 48.04 -5.67
C ARG F 5 -3.28 47.06 -6.45
N TYR F 6 -3.16 45.85 -5.93
CA TYR F 6 -2.29 44.84 -6.51
C TYR F 6 -2.90 44.22 -7.76
N ARG F 7 -2.02 43.76 -8.64
CA ARG F 7 -2.46 43.03 -9.81
C ARG F 7 -2.95 41.64 -9.39
N PRO F 8 -3.84 41.03 -10.17
CA PRO F 8 -4.30 39.68 -9.82
C PRO F 8 -3.22 38.63 -9.98
N GLY F 9 -2.73 38.12 -8.86
CA GLY F 9 -1.68 37.11 -8.88
C GLY F 9 -0.62 37.34 -7.83
N THR F 10 -0.40 38.59 -7.43
CA THR F 10 0.61 38.89 -6.43
C THR F 10 0.18 38.44 -5.04
N VAL F 11 -1.08 38.70 -4.69
CA VAL F 11 -1.61 38.30 -3.40
C VAL F 11 -1.68 36.78 -3.28
N ALA F 12 -1.96 36.09 -4.39
CA ALA F 12 -1.96 34.63 -4.39
C ALA F 12 -0.57 34.07 -4.16
N LEU F 13 0.45 34.67 -4.78
CA LEU F 13 1.83 34.29 -4.53
C LEU F 13 2.23 34.51 -3.08
N ARG F 14 1.80 35.64 -2.50
CA ARG F 14 2.12 35.91 -1.10
C ARG F 14 1.42 34.93 -0.17
N GLU F 15 0.18 34.56 -0.49
CA GLU F 15 -0.52 33.58 0.34
C GLU F 15 0.08 32.18 0.20
N ILE F 16 0.60 31.85 -0.98
CA ILE F 16 1.31 30.57 -1.14
C ILE F 16 2.57 30.57 -0.29
N ARG F 17 3.34 31.65 -0.35
CA ARG F 17 4.58 31.75 0.42
C ARG F 17 4.34 31.84 1.91
N ARG F 18 3.16 32.29 2.33
CA ARG F 18 2.84 32.39 3.75
C ARG F 18 2.26 31.09 4.31
N TYR F 19 1.31 30.47 3.62
CA TYR F 19 0.68 29.29 4.16
C TYR F 19 1.55 28.05 4.05
N GLN F 20 2.53 28.03 3.16
CA GLN F 20 3.42 26.87 3.06
C GLN F 20 4.46 26.85 4.15
N LYS F 21 4.71 27.96 4.82
CA LYS F 21 5.75 28.04 5.83
C LYS F 21 5.21 28.08 7.25
N SER F 22 3.90 28.17 7.44
CA SER F 22 3.30 28.06 8.76
C SER F 22 2.47 26.79 8.83
N THR F 23 2.36 26.23 10.04
CA THR F 23 1.80 24.90 10.21
C THR F 23 0.56 24.87 11.10
N GLU F 24 -0.36 25.83 10.92
CA GLU F 24 -1.56 25.82 11.73
C GLU F 24 -2.61 24.91 11.11
N LEU F 25 -3.78 24.82 11.74
CA LEU F 25 -4.92 24.10 11.19
C LEU F 25 -5.75 25.10 10.39
N LEU F 26 -5.81 24.89 9.08
CA LEU F 26 -6.46 25.85 8.19
C LEU F 26 -7.99 25.78 8.29
N ILE F 27 -8.55 24.59 8.45
CA ILE F 27 -9.98 24.45 8.69
C ILE F 27 -10.27 24.79 10.14
N ARG F 28 -11.36 25.50 10.38
CA ARG F 28 -11.77 25.82 11.74
C ARG F 28 -12.14 24.55 12.50
N LYS F 29 -11.92 24.57 13.82
CA LYS F 29 -12.02 23.36 14.62
C LYS F 29 -13.47 22.93 14.82
N LEU F 30 -14.34 23.88 15.16
CA LEU F 30 -15.74 23.58 15.47
C LEU F 30 -16.58 23.11 14.28
N PRO F 31 -16.53 23.73 13.08
CA PRO F 31 -17.28 23.13 11.96
C PRO F 31 -16.76 21.77 11.52
N PHE F 32 -15.46 21.53 11.64
CA PHE F 32 -14.95 20.20 11.34
C PHE F 32 -15.40 19.18 12.38
N GLN F 33 -15.49 19.60 13.64
CA GLN F 33 -16.01 18.74 14.69
C GLN F 33 -17.48 18.39 14.43
N ARG F 34 -18.27 19.38 14.00
CA ARG F 34 -19.67 19.14 13.68
C ARG F 34 -19.82 18.23 12.47
N LEU F 35 -18.94 18.39 11.48
CA LEU F 35 -18.97 17.51 10.30
C LEU F 35 -18.62 16.08 10.66
N VAL F 36 -17.60 15.91 11.52
CA VAL F 36 -17.20 14.57 11.96
C VAL F 36 -18.33 13.90 12.74
N ARG F 37 -19.00 14.64 13.62
CA ARG F 37 -20.11 14.05 14.37
C ARG F 37 -21.30 13.74 13.47
N GLU F 38 -21.55 14.57 12.46
CA GLU F 38 -22.65 14.32 11.52
C GLU F 38 -22.39 13.06 10.71
N ILE F 39 -21.16 12.86 10.25
CA ILE F 39 -20.83 11.65 9.51
C ILE F 39 -20.84 10.44 10.44
N ALA F 40 -20.36 10.59 11.67
CA ALA F 40 -20.23 9.46 12.58
C ALA F 40 -21.55 9.01 13.18
N GLN F 41 -22.57 9.86 13.20
CA GLN F 41 -23.85 9.39 13.73
C GLN F 41 -24.61 8.50 12.75
N ASP F 42 -24.17 8.42 11.49
CA ASP F 42 -24.84 7.51 10.55
C ASP F 42 -24.50 6.06 10.84
N PHE F 43 -23.27 5.79 11.30
CA PHE F 43 -22.87 4.40 11.56
C PHE F 43 -23.35 3.93 12.91
N LYS F 44 -22.88 4.55 13.99
CA LYS F 44 -23.29 4.21 15.34
C LYS F 44 -23.88 5.45 15.98
N THR F 45 -25.14 5.36 16.39
CA THR F 45 -25.78 6.46 17.08
C THR F 45 -25.29 6.54 18.52
N ASP F 46 -25.34 7.75 19.08
CA ASP F 46 -24.91 8.06 20.45
C ASP F 46 -23.45 7.68 20.68
N LEU F 47 -22.57 8.33 19.93
CA LEU F 47 -21.14 8.14 20.07
C LEU F 47 -20.54 9.25 20.92
N ARG F 48 -19.29 9.05 21.28
CA ARG F 48 -18.51 10.07 21.96
C ARG F 48 -17.15 10.13 21.29
N PHE F 49 -16.52 11.30 21.34
CA PHE F 49 -15.23 11.50 20.72
C PHE F 49 -14.29 12.15 21.72
N GLN F 50 -13.05 11.68 21.73
CA GLN F 50 -12.02 12.44 22.41
C GLN F 50 -11.65 13.67 21.58
N SER F 51 -11.03 14.64 22.24
CA SER F 51 -10.52 15.81 21.52
C SER F 51 -9.36 15.42 20.61
N SER F 52 -8.56 14.44 21.03
CA SER F 52 -7.44 13.99 20.21
C SER F 52 -7.91 13.22 18.99
N ALA F 53 -9.09 12.60 19.04
CA ALA F 53 -9.62 11.92 17.87
C ALA F 53 -10.02 12.92 16.79
N VAL F 54 -10.71 13.99 17.19
CA VAL F 54 -11.09 15.04 16.25
C VAL F 54 -9.86 15.74 15.71
N MET F 55 -8.84 15.93 16.57
CA MET F 55 -7.58 16.51 16.12
C MET F 55 -6.87 15.61 15.11
N ALA F 56 -6.86 14.30 15.34
CA ALA F 56 -6.23 13.37 14.42
C ALA F 56 -6.95 13.33 13.08
N LEU F 57 -8.28 13.37 13.11
CA LEU F 57 -9.06 13.45 11.88
C LEU F 57 -8.80 14.74 11.13
N GLN F 58 -8.62 15.84 11.86
CA GLN F 58 -8.36 17.12 11.19
C GLN F 58 -6.98 17.15 10.55
N GLU F 59 -5.95 16.65 11.23
CA GLU F 59 -4.61 16.62 10.63
C GLU F 59 -4.57 15.68 9.43
N ALA F 60 -5.24 14.52 9.51
CA ALA F 60 -5.26 13.60 8.38
C ALA F 60 -6.02 14.17 7.20
N SER F 61 -7.16 14.83 7.45
CA SER F 61 -7.95 15.39 6.37
C SER F 61 -7.24 16.55 5.69
N GLU F 62 -6.58 17.43 6.48
CA GLU F 62 -5.82 18.50 5.88
C GLU F 62 -4.64 18.00 5.07
N ALA F 63 -3.92 16.98 5.59
CA ALA F 63 -2.77 16.45 4.85
C ALA F 63 -3.20 15.78 3.55
N TYR F 64 -4.31 15.04 3.59
CA TYR F 64 -4.80 14.39 2.38
C TYR F 64 -5.28 15.41 1.35
N LEU F 65 -5.98 16.47 1.80
CA LEU F 65 -6.43 17.47 0.85
C LEU F 65 -5.29 18.31 0.29
N VAL F 66 -4.25 18.56 1.07
CA VAL F 66 -3.10 19.30 0.55
C VAL F 66 -2.33 18.48 -0.47
N GLY F 67 -2.15 17.18 -0.22
CA GLY F 67 -1.54 16.32 -1.23
C GLY F 67 -2.37 16.23 -2.50
N LEU F 68 -3.70 16.15 -2.35
CA LEU F 68 -4.59 16.11 -3.50
C LEU F 68 -4.53 17.42 -4.29
N PHE F 69 -4.43 18.55 -3.60
CA PHE F 69 -4.33 19.83 -4.29
C PHE F 69 -2.99 20.00 -4.98
N GLU F 70 -1.93 19.41 -4.43
CA GLU F 70 -0.63 19.42 -5.12
C GLU F 70 -0.71 18.66 -6.43
N ASP F 71 -1.30 17.46 -6.40
CA ASP F 71 -1.43 16.68 -7.63
C ASP F 71 -2.42 17.32 -8.61
N THR F 72 -3.44 17.99 -8.09
CA THR F 72 -4.39 18.72 -8.94
C THR F 72 -3.71 19.91 -9.62
N ASN F 73 -2.82 20.59 -8.90
CA ASN F 73 -2.06 21.68 -9.51
C ASN F 73 -1.14 21.17 -10.60
N LEU F 74 -0.50 20.01 -10.39
CA LEU F 74 0.35 19.45 -11.45
C LEU F 74 -0.46 19.02 -12.66
N CYS F 75 -1.68 18.50 -12.45
CA CYS F 75 -2.57 18.20 -13.56
C CYS F 75 -2.95 19.46 -14.33
N ALA F 76 -3.19 20.56 -13.61
CA ALA F 76 -3.59 21.81 -14.26
C ALA F 76 -2.44 22.43 -15.04
N ILE F 77 -1.23 22.40 -14.49
CA ILE F 77 -0.06 22.94 -15.18
C ILE F 77 0.29 22.05 -16.38
N HIS F 78 -0.01 20.75 -16.30
CA HIS F 78 0.22 19.86 -17.44
C HIS F 78 -0.65 20.20 -18.63
N ALA F 79 -1.87 20.70 -18.40
CA ALA F 79 -2.79 21.03 -19.48
C ALA F 79 -2.62 22.46 -19.97
N LYS F 80 -1.46 23.08 -19.71
CA LYS F 80 -1.15 24.47 -20.05
C LYS F 80 -2.14 25.45 -19.46
N ARG F 81 -2.34 25.35 -18.14
CA ARG F 81 -3.21 26.25 -17.41
C ARG F 81 -2.58 26.56 -16.05
N VAL F 82 -3.04 27.64 -15.43
CA VAL F 82 -2.72 27.92 -14.04
C VAL F 82 -3.91 27.71 -13.12
N THR F 83 -5.12 27.62 -13.67
CA THR F 83 -6.33 27.48 -12.87
C THR F 83 -6.68 26.01 -12.71
N ILE F 84 -6.79 25.57 -11.47
CA ILE F 84 -7.24 24.20 -11.22
C ILE F 84 -8.74 24.13 -11.42
N MET F 85 -9.20 23.12 -12.14
CA MET F 85 -10.59 22.87 -12.43
C MET F 85 -10.97 21.49 -11.89
N PRO F 86 -12.27 21.18 -11.77
CA PRO F 86 -12.66 19.86 -11.24
C PRO F 86 -12.12 18.66 -12.00
N LYS F 87 -11.95 18.77 -13.33
CA LYS F 87 -11.48 17.63 -14.11
C LYS F 87 -10.05 17.25 -13.77
N ASP F 88 -9.26 18.22 -13.27
CA ASP F 88 -7.97 17.90 -12.69
C ASP F 88 -8.13 17.02 -11.45
N ILE F 89 -9.15 17.27 -10.64
CA ILE F 89 -9.36 16.47 -9.43
C ILE F 89 -9.81 15.07 -9.80
N GLN F 90 -10.71 14.90 -10.79
CA GLN F 90 -11.03 13.53 -11.19
C GLN F 90 -9.85 12.82 -11.86
N LEU F 91 -9.00 13.54 -12.61
CA LEU F 91 -7.81 12.91 -13.16
C LEU F 91 -6.85 12.46 -12.07
N ALA F 92 -6.62 13.31 -11.05
CA ALA F 92 -5.71 12.96 -9.98
C ALA F 92 -6.24 11.80 -9.15
N ARG F 93 -7.54 11.79 -8.87
CA ARG F 93 -8.11 10.69 -8.11
C ARG F 93 -8.21 9.41 -8.93
N ARG F 94 -8.27 9.53 -10.26
CA ARG F 94 -8.25 8.34 -11.10
C ARG F 94 -6.86 7.72 -11.15
N ILE F 95 -5.83 8.56 -11.29
CA ILE F 95 -4.46 8.05 -11.36
C ILE F 95 -4.02 7.50 -10.00
N ARG F 96 -4.40 8.18 -8.92
CA ARG F 96 -4.13 7.67 -7.58
C ARG F 96 -4.87 6.38 -7.29
N GLY F 97 -6.05 6.20 -7.87
CA GLY F 97 -6.80 4.98 -7.72
C GLY F 97 -7.99 5.05 -6.80
N GLU F 98 -8.36 6.23 -6.32
CA GLU F 98 -9.50 6.36 -5.42
C GLU F 98 -10.84 6.48 -6.13
N ARG F 99 -10.84 6.57 -7.46
CA ARG F 99 -12.08 6.59 -8.23
C ARG F 99 -12.45 5.16 -8.60
N ALA F 100 -13.22 4.51 -7.74
CA ALA F 100 -13.68 3.15 -8.01
C ALA F 100 -14.87 3.14 -8.95
N VAL G 1 29.95 -12.34 -19.38
CA VAL G 1 30.03 -12.01 -20.79
C VAL G 1 28.63 -11.73 -21.31
N LEU G 2 28.32 -10.45 -21.56
CA LEU G 2 27.00 -10.03 -21.98
C LEU G 2 27.12 -8.93 -23.03
N ARG G 3 25.97 -8.34 -23.36
CA ARG G 3 25.86 -7.23 -24.29
C ARG G 3 24.90 -6.20 -23.70
N ASP G 4 24.48 -5.26 -24.54
CA ASP G 4 23.44 -4.30 -24.18
C ASP G 4 22.09 -4.86 -24.58
N ASN G 5 21.32 -5.33 -23.60
CA ASN G 5 20.13 -6.13 -23.88
C ASN G 5 18.84 -5.36 -23.68
N ILE G 6 18.89 -4.06 -23.41
CA ILE G 6 17.65 -3.29 -23.26
C ILE G 6 17.08 -2.91 -24.62
N GLN G 7 17.90 -2.89 -25.68
CA GLN G 7 17.37 -2.73 -27.02
C GLN G 7 16.62 -3.95 -27.52
N GLY G 8 16.71 -5.09 -26.83
CA GLY G 8 15.86 -6.22 -27.14
C GLY G 8 14.40 -6.00 -26.81
N ILE G 9 14.12 -5.11 -25.87
CA ILE G 9 12.74 -4.66 -25.64
C ILE G 9 12.40 -3.73 -26.78
N THR G 10 11.65 -4.26 -27.74
CA THR G 10 11.64 -3.75 -29.09
C THR G 10 10.45 -2.81 -29.27
N LYS G 11 10.63 -1.79 -30.12
CA LYS G 11 9.60 -0.78 -30.36
C LYS G 11 8.23 -1.33 -30.80
N PRO G 12 8.13 -2.39 -31.63
CA PRO G 12 6.82 -3.07 -31.74
C PRO G 12 6.28 -3.65 -30.45
N ALA G 13 7.11 -4.06 -29.49
CA ALA G 13 6.55 -4.61 -28.25
C ALA G 13 6.01 -3.51 -27.35
N ILE G 14 6.68 -2.34 -27.29
CA ILE G 14 6.10 -1.19 -26.61
C ILE G 14 4.82 -0.75 -27.31
N ARG G 15 4.80 -0.83 -28.64
CA ARG G 15 3.60 -0.48 -29.40
C ARG G 15 2.44 -1.42 -29.08
N ARG G 16 2.71 -2.72 -28.98
CA ARG G 16 1.65 -3.69 -28.69
C ARG G 16 1.15 -3.57 -27.25
N LEU G 17 2.06 -3.31 -26.31
CA LEU G 17 1.67 -3.07 -24.93
C LEU G 17 0.83 -1.80 -24.80
N ALA G 18 1.13 -0.80 -25.61
CA ALA G 18 0.34 0.42 -25.59
C ALA G 18 -1.00 0.26 -26.29
N ARG G 19 -1.08 -0.61 -27.30
CA ARG G 19 -2.37 -0.94 -27.88
C ARG G 19 -3.24 -1.66 -26.87
N ARG G 20 -2.64 -2.56 -26.07
CA ARG G 20 -3.40 -3.19 -24.99
C ARG G 20 -3.78 -2.17 -23.93
N GLY G 21 -2.95 -1.17 -23.69
CA GLY G 21 -3.33 -0.09 -22.80
C GLY G 21 -4.40 0.83 -23.33
N GLY G 22 -4.64 0.82 -24.64
CA GLY G 22 -5.70 1.61 -25.23
C GLY G 22 -5.22 2.97 -25.70
N VAL G 23 -4.16 2.99 -26.51
CA VAL G 23 -3.53 4.22 -26.96
C VAL G 23 -3.57 4.27 -28.48
N LYS G 24 -4.01 5.41 -29.03
CA LYS G 24 -4.23 5.53 -30.46
C LYS G 24 -2.96 5.94 -31.20
N ARG G 25 -2.24 6.94 -30.72
CA ARG G 25 -1.00 7.40 -31.34
C ARG G 25 0.12 7.42 -30.32
N ILE G 26 1.32 7.12 -30.81
CA ILE G 26 2.52 7.00 -29.97
C ILE G 26 3.52 8.03 -30.47
N SER G 27 4.08 8.82 -29.55
CA SER G 27 5.16 9.69 -29.96
C SER G 27 6.44 8.89 -30.16
N GLY G 28 7.39 9.48 -30.87
CA GLY G 28 8.62 8.80 -31.16
C GLY G 28 9.59 8.71 -30.01
N LEU G 29 9.32 9.41 -28.91
CA LEU G 29 10.19 9.44 -27.74
C LEU G 29 9.64 8.63 -26.59
N ILE G 30 8.54 7.90 -26.81
CA ILE G 30 7.97 7.04 -25.78
C ILE G 30 8.88 5.85 -25.50
N TYR G 31 9.59 5.37 -26.53
CA TYR G 31 10.25 4.07 -26.45
C TYR G 31 11.46 4.10 -25.52
N GLU G 32 12.28 5.15 -25.59
CA GLU G 32 13.44 5.25 -24.71
C GLU G 32 13.02 5.39 -23.25
N GLU G 33 12.01 6.21 -22.98
CA GLU G 33 11.55 6.36 -21.60
C GLU G 33 10.85 5.11 -21.10
N THR G 34 10.16 4.37 -21.98
CA THR G 34 9.54 3.12 -21.58
C THR G 34 10.59 2.08 -21.22
N ARG G 35 11.70 2.05 -21.97
CA ARG G 35 12.82 1.19 -21.61
C ARG G 35 13.41 1.57 -20.27
N GLY G 36 13.54 2.88 -20.00
CA GLY G 36 14.05 3.32 -18.72
C GLY G 36 13.13 2.98 -17.55
N VAL G 37 11.82 3.13 -17.75
CA VAL G 37 10.85 2.82 -16.71
C VAL G 37 10.81 1.32 -16.41
N LEU G 38 10.85 0.50 -17.47
CA LEU G 38 10.89 -0.94 -17.30
C LEU G 38 12.18 -1.38 -16.62
N LYS G 39 13.30 -0.72 -16.93
CA LYS G 39 14.56 -1.03 -16.29
C LYS G 39 14.54 -0.69 -14.81
N VAL G 40 13.91 0.42 -14.44
CA VAL G 40 13.79 0.80 -13.04
C VAL G 40 12.91 -0.19 -12.27
N PHE G 41 11.77 -0.58 -12.87
CA PHE G 41 10.87 -1.54 -12.21
C PHE G 41 11.52 -2.90 -12.04
N LEU G 42 12.25 -3.37 -13.05
CA LEU G 42 12.96 -4.64 -12.93
C LEU G 42 14.11 -4.54 -11.93
N GLU G 43 14.81 -3.41 -11.89
CA GLU G 43 15.88 -3.23 -10.91
C GLU G 43 15.37 -3.18 -9.49
N ASN G 44 14.10 -2.84 -9.28
CA ASN G 44 13.53 -2.97 -7.94
C ASN G 44 13.14 -4.42 -7.63
N VAL G 45 12.36 -5.04 -8.52
CA VAL G 45 11.78 -6.35 -8.24
C VAL G 45 12.84 -7.43 -8.20
N ILE G 46 13.80 -7.40 -9.13
CA ILE G 46 14.87 -8.39 -9.18
C ILE G 46 15.80 -8.24 -7.98
N ARG G 47 16.02 -7.01 -7.51
CA ARG G 47 16.83 -6.79 -6.31
C ARG G 47 16.18 -7.42 -5.08
N ASP G 48 14.88 -7.20 -4.91
CA ASP G 48 14.18 -7.81 -3.76
C ASP G 48 14.13 -9.33 -3.87
N ALA G 49 13.92 -9.86 -5.08
CA ALA G 49 13.88 -11.30 -5.28
C ALA G 49 15.25 -11.94 -5.04
N VAL G 50 16.32 -11.27 -5.46
CA VAL G 50 17.66 -11.80 -5.25
C VAL G 50 18.01 -11.76 -3.76
N THR G 51 17.55 -10.73 -3.04
CA THR G 51 17.75 -10.72 -1.59
C THR G 51 17.02 -11.87 -0.90
N TYR G 52 15.80 -12.17 -1.35
CA TYR G 52 15.09 -13.36 -0.89
C TYR G 52 15.85 -14.65 -1.22
N THR G 53 16.54 -14.67 -2.36
CA THR G 53 17.32 -15.84 -2.74
C THR G 53 18.55 -16.02 -1.85
N GLU G 54 19.33 -14.95 -1.65
CA GLU G 54 20.54 -15.05 -0.82
C GLU G 54 20.22 -15.25 0.65
N HIS G 55 19.00 -14.97 1.10
CA HIS G 55 18.69 -15.30 2.49
C HIS G 55 18.63 -16.81 2.70
N ALA G 56 18.08 -17.55 1.75
CA ALA G 56 17.76 -18.96 1.97
C ALA G 56 18.91 -19.90 1.65
N LYS G 57 20.14 -19.38 1.51
CA LYS G 57 21.33 -20.13 1.09
C LYS G 57 21.11 -20.86 -0.23
N ARG G 58 20.41 -20.22 -1.16
CA ARG G 58 20.17 -20.81 -2.47
C ARG G 58 20.85 -19.97 -3.53
N LYS G 59 21.19 -20.62 -4.65
CA LYS G 59 21.79 -19.93 -5.78
C LYS G 59 20.90 -19.95 -7.01
N THR G 60 19.62 -20.26 -6.86
CA THR G 60 18.67 -20.15 -7.96
C THR G 60 17.45 -19.35 -7.47
N VAL G 61 16.81 -18.68 -8.40
CA VAL G 61 15.69 -17.80 -8.09
C VAL G 61 14.41 -18.49 -8.53
N THR G 62 13.66 -19.00 -7.56
CA THR G 62 12.41 -19.69 -7.85
C THR G 62 11.33 -18.67 -8.20
N ALA G 63 10.17 -19.19 -8.61
CA ALA G 63 9.04 -18.31 -8.87
C ALA G 63 8.48 -17.73 -7.59
N MET G 64 8.62 -18.46 -6.48
CA MET G 64 8.09 -18.01 -5.20
C MET G 64 8.80 -16.75 -4.71
N ASP G 65 10.11 -16.65 -4.95
CA ASP G 65 10.86 -15.46 -4.55
C ASP G 65 10.37 -14.24 -5.31
N VAL G 66 10.05 -14.41 -6.60
CA VAL G 66 9.54 -13.31 -7.40
C VAL G 66 8.14 -12.92 -6.94
N VAL G 67 7.31 -13.91 -6.58
CA VAL G 67 5.97 -13.62 -6.05
C VAL G 67 6.06 -12.87 -4.72
N TYR G 68 7.00 -13.26 -3.86
CA TYR G 68 7.15 -12.57 -2.58
C TYR G 68 7.69 -11.17 -2.76
N ALA G 69 8.60 -10.98 -3.71
CA ALA G 69 9.14 -9.65 -4.00
C ALA G 69 8.07 -8.73 -4.57
N LEU G 70 7.22 -9.25 -5.45
CA LEU G 70 6.15 -8.45 -6.01
C LEU G 70 5.07 -8.16 -4.99
N LYS G 71 4.79 -9.12 -4.09
CA LYS G 71 3.82 -8.90 -3.02
C LYS G 71 4.32 -7.86 -2.03
N ARG G 72 5.64 -7.79 -1.81
CA ARG G 72 6.20 -6.78 -0.93
C ARG G 72 6.04 -5.38 -1.50
N GLN G 73 6.07 -5.24 -2.82
CA GLN G 73 5.95 -3.95 -3.45
C GLN G 73 4.52 -3.52 -3.69
N GLY G 74 3.54 -4.38 -3.44
CA GLY G 74 2.15 -4.05 -3.65
C GLY G 74 1.54 -4.60 -4.90
N ARG G 75 2.33 -5.15 -5.82
CA ARG G 75 1.81 -5.79 -7.02
C ARG G 75 1.65 -7.27 -6.71
N THR G 76 0.52 -7.62 -6.07
CA THR G 76 0.27 -8.99 -5.70
C THR G 76 -0.05 -9.83 -6.94
N LEU G 77 0.66 -10.92 -7.13
CA LEU G 77 0.55 -11.75 -8.33
C LEU G 77 -0.10 -13.08 -7.98
N TYR G 78 -1.37 -13.25 -8.34
CA TYR G 78 -1.94 -14.59 -8.35
C TYR G 78 -1.53 -15.26 -9.63
N GLY G 79 -1.49 -16.59 -9.63
CA GLY G 79 -0.96 -17.28 -10.78
C GLY G 79 0.14 -18.25 -10.40
N PHE G 80 1.37 -17.91 -10.77
CA PHE G 80 2.56 -18.69 -10.44
C PHE G 80 2.73 -18.90 -8.95
N GLY G 81 2.64 -20.14 -8.51
CA GLY G 81 2.95 -20.50 -7.13
C GLY G 81 1.91 -20.06 -6.13
N GLY G 82 1.88 -18.77 -5.83
CA GLY G 82 0.93 -18.21 -4.88
C GLY G 82 1.16 -18.55 -3.41
N VAL H 1 -30.37 15.18 15.94
CA VAL H 1 -30.95 16.34 15.28
C VAL H 1 -29.85 17.28 14.84
N LEU H 2 -29.59 17.32 13.53
CA LEU H 2 -28.54 18.17 12.97
C LEU H 2 -29.03 18.82 11.70
N ARG H 3 -28.08 19.45 10.99
CA ARG H 3 -28.31 20.22 9.78
C ARG H 3 -27.36 19.69 8.72
N ASP H 4 -27.21 20.43 7.62
CA ASP H 4 -26.19 20.12 6.63
C ASP H 4 -24.93 20.90 6.99
N ASN H 5 -23.95 20.22 7.59
CA ASN H 5 -22.76 20.87 8.12
C ASN H 5 -21.60 20.86 7.14
N ILE H 6 -21.75 20.26 5.96
CA ILE H 6 -20.70 20.30 4.96
C ILE H 6 -20.55 21.69 4.37
N GLN H 7 -21.57 22.54 4.49
CA GLN H 7 -21.42 23.95 4.16
C GLN H 7 -20.59 24.70 5.18
N GLY H 8 -20.32 24.10 6.35
CA GLY H 8 -19.43 24.73 7.32
C GLY H 8 -17.98 24.71 6.91
N ILE H 9 -17.60 23.82 5.99
CA ILE H 9 -16.26 23.83 5.42
C ILE H 9 -16.26 24.94 4.37
N THR H 10 -15.84 26.13 4.78
CA THR H 10 -16.10 27.36 4.03
C THR H 10 -15.24 27.45 2.79
N LYS H 11 -15.58 28.41 1.94
CA LYS H 11 -14.76 28.73 0.78
C LYS H 11 -13.35 29.23 1.13
N PRO H 12 -13.12 30.12 2.12
CA PRO H 12 -11.73 30.44 2.49
C PRO H 12 -10.95 29.28 3.08
N ALA H 13 -11.60 28.27 3.67
CA ALA H 13 -10.86 27.13 4.20
C ALA H 13 -10.28 26.28 3.08
N ILE H 14 -11.10 26.01 2.05
CA ILE H 14 -10.61 25.31 0.86
C ILE H 14 -9.59 26.17 0.12
N ARG H 15 -9.78 27.49 0.14
CA ARG H 15 -8.81 28.41 -0.44
C ARG H 15 -7.46 28.32 0.27
N ARG H 16 -7.45 28.28 1.60
CA ARG H 16 -6.21 28.22 2.35
C ARG H 16 -5.52 26.87 2.19
N LEU H 17 -6.30 25.78 2.14
CA LEU H 17 -5.72 24.46 1.88
C LEU H 17 -5.12 24.41 0.49
N ALA H 18 -5.75 25.07 -0.47
CA ALA H 18 -5.22 25.06 -1.83
C ALA H 18 -4.01 25.98 -1.96
N ARG H 19 -3.93 27.04 -1.15
CA ARG H 19 -2.72 27.85 -1.11
C ARG H 19 -1.56 27.07 -0.51
N ARG H 20 -1.83 26.29 0.54
CA ARG H 20 -0.80 25.44 1.13
C ARG H 20 -0.36 24.36 0.14
N GLY H 21 -1.29 23.83 -0.64
CA GLY H 21 -0.92 22.95 -1.74
C GLY H 21 -0.17 23.65 -2.85
N GLY H 22 -0.32 24.97 -2.96
CA GLY H 22 0.46 25.74 -3.91
C GLY H 22 -0.21 25.95 -5.24
N VAL H 23 -1.44 26.47 -5.25
CA VAL H 23 -2.13 26.79 -6.48
C VAL H 23 -2.34 28.30 -6.54
N LYS H 24 -2.45 28.81 -7.77
CA LYS H 24 -2.47 30.26 -8.02
C LYS H 24 -3.86 30.78 -8.34
N ARG H 25 -4.60 30.08 -9.19
CA ARG H 25 -5.99 30.42 -9.48
C ARG H 25 -6.85 29.19 -9.26
N ILE H 26 -8.06 29.41 -8.75
CA ILE H 26 -8.97 28.34 -8.36
C ILE H 26 -10.30 28.57 -9.07
N SER H 27 -10.80 27.54 -9.75
CA SER H 27 -12.10 27.67 -10.39
C SER H 27 -13.22 27.65 -9.36
N GLY H 28 -14.37 28.17 -9.75
CA GLY H 28 -15.49 28.28 -8.83
C GLY H 28 -16.20 26.99 -8.51
N LEU H 29 -15.95 25.93 -9.26
CA LEU H 29 -16.55 24.63 -9.01
C LEU H 29 -15.60 23.68 -8.28
N ILE H 30 -14.46 24.19 -7.82
CA ILE H 30 -13.54 23.38 -7.02
C ILE H 30 -14.16 23.05 -5.68
N TYR H 31 -14.92 23.99 -5.11
CA TYR H 31 -15.34 23.91 -3.71
C TYR H 31 -16.35 22.79 -3.47
N GLU H 32 -17.32 22.63 -4.38
CA GLU H 32 -18.31 21.56 -4.24
C GLU H 32 -17.66 20.18 -4.34
N GLU H 33 -16.73 20.02 -5.27
CA GLU H 33 -16.07 18.73 -5.40
C GLU H 33 -15.11 18.48 -4.24
N THR H 34 -14.50 19.53 -3.69
CA THR H 34 -13.63 19.36 -2.54
C THR H 34 -14.44 18.94 -1.31
N ARG H 35 -15.64 19.50 -1.15
CA ARG H 35 -16.53 19.04 -0.09
C ARG H 35 -16.95 17.59 -0.29
N GLY H 36 -17.25 17.20 -1.52
CA GLY H 36 -17.60 15.81 -1.77
C GLY H 36 -16.46 14.84 -1.53
N VAL H 37 -15.24 15.21 -1.94
CA VAL H 37 -14.07 14.36 -1.75
C VAL H 37 -13.72 14.24 -0.28
N LEU H 38 -13.82 15.34 0.47
CA LEU H 38 -13.59 15.29 1.91
C LEU H 38 -14.64 14.44 2.61
N LYS H 39 -15.89 14.51 2.16
CA LYS H 39 -16.95 13.69 2.74
C LYS H 39 -16.69 12.20 2.48
N VAL H 40 -16.20 11.87 1.28
CA VAL H 40 -15.88 10.48 0.95
C VAL H 40 -14.73 9.97 1.81
N PHE H 41 -13.67 10.78 1.95
CA PHE H 41 -12.51 10.38 2.76
C PHE H 41 -12.87 10.20 4.22
N LEU H 42 -13.71 11.10 4.76
CA LEU H 42 -14.14 10.95 6.14
C LEU H 42 -15.09 9.77 6.31
N GLU H 43 -15.94 9.48 5.33
CA GLU H 43 -16.80 8.31 5.43
C GLU H 43 -16.02 7.01 5.32
N ASN H 44 -14.81 7.03 4.76
CA ASN H 44 -13.95 5.86 4.88
C ASN H 44 -13.32 5.74 6.26
N VAL H 45 -12.62 6.81 6.68
CA VAL H 45 -11.80 6.76 7.90
C VAL H 45 -12.66 6.62 9.15
N ILE H 46 -13.77 7.36 9.21
CA ILE H 46 -14.66 7.34 10.36
C ILE H 46 -15.35 5.98 10.48
N ARG H 47 -15.72 5.38 9.34
CA ARG H 47 -16.32 4.05 9.38
C ARG H 47 -15.36 3.00 9.92
N ASP H 48 -14.09 3.04 9.49
CA ASP H 48 -13.11 2.09 10.02
C ASP H 48 -12.84 2.33 11.50
N ALA H 49 -12.75 3.59 11.93
CA ALA H 49 -12.51 3.89 13.33
C ALA H 49 -13.70 3.49 14.21
N VAL H 50 -14.91 3.67 13.70
CA VAL H 50 -16.12 3.28 14.43
C VAL H 50 -16.20 1.76 14.55
N THR H 51 -15.74 1.03 13.52
CA THR H 51 -15.65 -0.42 13.62
C THR H 51 -14.64 -0.85 14.68
N TYR H 52 -13.51 -0.15 14.76
CA TYR H 52 -12.52 -0.41 15.81
C TYR H 52 -13.08 -0.14 17.20
N THR H 53 -13.94 0.88 17.32
CA THR H 53 -14.57 1.16 18.60
C THR H 53 -15.66 0.14 18.92
N GLU H 54 -16.35 -0.38 17.88
CA GLU H 54 -17.33 -1.44 18.06
C GLU H 54 -16.69 -2.69 18.63
N HIS H 55 -15.50 -3.05 18.15
CA HIS H 55 -14.89 -4.29 18.61
C HIS H 55 -14.43 -4.22 20.06
N ALA H 56 -14.07 -3.03 20.53
CA ALA H 56 -13.56 -2.91 21.89
C ALA H 56 -14.65 -2.82 22.94
N LYS H 57 -15.92 -2.86 22.52
CA LYS H 57 -17.10 -2.64 23.38
C LYS H 57 -17.03 -1.33 24.14
N ARG H 58 -16.62 -0.27 23.45
CA ARG H 58 -16.56 1.07 24.00
C ARG H 58 -17.56 1.95 23.27
N LYS H 59 -17.63 3.21 23.72
CA LYS H 59 -18.44 4.22 23.06
C LYS H 59 -17.67 5.48 22.69
N THR H 60 -16.52 5.73 23.30
CA THR H 60 -15.69 6.88 22.96
C THR H 60 -14.71 6.45 21.88
N VAL H 61 -14.81 7.06 20.71
CA VAL H 61 -13.84 6.81 19.65
C VAL H 61 -12.56 7.54 20.02
N THR H 62 -11.57 6.82 20.54
CA THR H 62 -10.35 7.43 21.00
C THR H 62 -9.42 7.74 19.83
N ALA H 63 -8.27 8.32 20.15
CA ALA H 63 -7.30 8.68 19.12
C ALA H 63 -6.63 7.45 18.52
N MET H 64 -6.47 6.39 19.31
CA MET H 64 -5.82 5.18 18.83
C MET H 64 -6.62 4.51 17.72
N ASP H 65 -7.96 4.54 17.84
CA ASP H 65 -8.80 3.98 16.79
C ASP H 65 -8.65 4.77 15.49
N VAL H 66 -8.51 6.08 15.58
CA VAL H 66 -8.33 6.90 14.39
C VAL H 66 -6.96 6.64 13.76
N VAL H 67 -5.92 6.46 14.59
CA VAL H 67 -4.59 6.15 14.09
C VAL H 67 -4.56 4.79 13.42
N TYR H 68 -5.23 3.80 14.00
CA TYR H 68 -5.28 2.47 13.39
C TYR H 68 -6.13 2.45 12.12
N ALA H 69 -7.20 3.24 12.09
CA ALA H 69 -8.03 3.32 10.89
C ALA H 69 -7.30 4.00 9.75
N LEU H 70 -6.47 5.01 10.08
CA LEU H 70 -5.65 5.64 9.06
C LEU H 70 -4.50 4.75 8.62
N LYS H 71 -3.94 3.97 9.54
CA LYS H 71 -2.85 3.07 9.20
C LYS H 71 -3.33 1.93 8.30
N ARG H 72 -4.58 1.49 8.48
CA ARG H 72 -5.11 0.44 7.63
C ARG H 72 -5.32 0.89 6.19
N GLN H 73 -5.49 2.19 5.97
CA GLN H 73 -5.68 2.71 4.61
C GLN H 73 -4.37 3.15 3.97
N GLY H 74 -3.24 2.92 4.62
CA GLY H 74 -1.97 3.30 4.05
C GLY H 74 -1.57 4.74 4.27
N ARG H 75 -2.30 5.47 5.10
CA ARG H 75 -1.96 6.84 5.47
C ARG H 75 -1.61 6.83 6.96
N THR H 76 -0.36 6.49 7.26
CA THR H 76 0.07 6.38 8.65
C THR H 76 0.20 7.77 9.27
N LEU H 77 -0.22 7.91 10.52
CA LEU H 77 -0.17 9.19 11.23
C LEU H 77 0.78 9.06 12.41
N TYR H 78 1.99 9.60 12.27
CA TYR H 78 2.85 9.84 13.42
C TYR H 78 2.37 11.09 14.12
N GLY H 79 2.55 11.13 15.44
CA GLY H 79 1.88 12.18 16.19
C GLY H 79 1.13 11.65 17.38
N PHE H 80 -0.20 11.72 17.29
CA PHE H 80 -1.09 11.31 18.37
C PHE H 80 -0.94 9.83 18.70
N GLY H 81 -0.38 9.56 19.87
CA GLY H 81 -0.34 8.22 20.42
C GLY H 81 0.75 7.33 19.85
N GLY H 82 0.55 6.83 18.64
CA GLY H 82 1.51 5.97 17.99
C GLY H 82 1.60 4.54 18.51
#